data_7MB4
#
_entry.id   7MB4
#
_cell.length_a   69.716
_cell.length_b   100.568
_cell.length_c   99.275
_cell.angle_alpha   90.000
_cell.angle_beta   104.140
_cell.angle_gamma   90.000
#
_symmetry.space_group_name_H-M   'P 1 21 1'
#
loop_
_entity.id
_entity.type
_entity.pdbx_description
1 polymer '3C-like proteinase'
2 polymer THR-SER-ALA-VAL-LEU-GLN
3 water water
#
loop_
_entity_poly.entity_id
_entity_poly.type
_entity_poly.pdbx_seq_one_letter_code
_entity_poly.pdbx_strand_id
1 'polypeptide(L)'
;SGFRKMAFPSGKVEGCMVQVTCGTTTLNGLWLDDVVYCPRHVICTSEDMLNPNYEDLLIRKSNHNFLVQAGNVQLRVIGH
SMQNCVLKLKVDTANPKTPKYKFVRIQPGQTFSVLACYNGSPSGVYQCAMRPNFTIKGSFLNGSAGSVGFNIDYDCVSFC
YMHHMELPTGVHAGTDLEGNFYGPFVDRQTAQAAGTDTTITVNVLAWLYAAVINGDRWFLNRFTTTLNDFNLVAMKYNYE
PLTQDHVDILGPLSAQTGIAVLDMCASLKELLQNGMNGRTILGSALLEDEFTPFDVVRQCSGVTFQ
;
A,D,C,B
2 'polypeptide(L)' TSAVLQ E,H,G,F
#
# COMPACT_ATOMS: atom_id res chain seq x y z
N SER A 1 -2.26 10.48 -35.72
CA SER A 1 -3.17 9.40 -35.35
C SER A 1 -2.40 8.07 -35.14
N GLY A 2 -3.15 7.03 -34.82
CA GLY A 2 -2.60 5.75 -34.41
C GLY A 2 -2.64 5.59 -32.91
N PHE A 3 -2.60 4.34 -32.47
CA PHE A 3 -2.70 4.11 -31.04
C PHE A 3 -1.98 2.81 -30.71
N ARG A 4 -1.01 2.92 -29.80
CA ARG A 4 -0.08 1.86 -29.48
C ARG A 4 0.01 1.67 -27.98
N LYS A 5 0.34 0.42 -27.54
CA LYS A 5 0.80 0.29 -26.17
C LYS A 5 2.10 1.04 -26.00
N MET A 6 2.10 2.13 -25.27
CA MET A 6 3.23 3.05 -25.22
C MET A 6 3.70 3.05 -23.78
N ALA A 7 4.97 2.80 -23.59
CA ALA A 7 5.62 2.84 -22.29
C ALA A 7 6.24 4.21 -22.07
N PHE A 8 6.47 4.55 -20.82
CA PHE A 8 7.22 5.77 -20.53
C PHE A 8 8.66 5.59 -20.99
N PRO A 9 9.31 6.65 -21.45
CA PRO A 9 10.77 6.62 -21.63
C PRO A 9 11.43 6.11 -20.36
N SER A 10 12.40 5.23 -20.54
CA SER A 10 12.98 4.46 -19.43
C SER A 10 14.28 5.04 -18.89
N GLY A 11 14.78 6.13 -19.48
CA GLY A 11 16.14 6.59 -19.19
C GLY A 11 16.40 6.89 -17.72
N LYS A 12 15.43 7.52 -17.06
CA LYS A 12 15.60 7.81 -15.63
C LYS A 12 15.70 6.52 -14.79
N VAL A 13 15.02 5.45 -15.18
CA VAL A 13 15.08 4.19 -14.41
C VAL A 13 16.33 3.37 -14.78
N GLU A 14 16.78 3.45 -16.03
CA GLU A 14 17.96 2.69 -16.44
C GLU A 14 19.18 3.00 -15.55
N GLY A 15 19.31 4.27 -15.17
CA GLY A 15 20.37 4.71 -14.27
C GLY A 15 20.33 4.22 -12.84
N CYS A 16 19.24 3.59 -12.43
CA CYS A 16 19.12 3.03 -11.10
C CYS A 16 19.29 1.54 -11.04
N MET A 17 19.45 0.86 -12.15
CA MET A 17 19.44 -0.58 -12.11
C MET A 17 20.85 -1.06 -11.85
N VAL A 18 20.99 -2.01 -10.90
CA VAL A 18 22.25 -2.66 -10.58
C VAL A 18 22.08 -4.17 -10.49
N GLN A 19 23.21 -4.86 -10.44
CA GLN A 19 23.21 -6.28 -10.29
C GLN A 19 23.48 -6.65 -8.84
N VAL A 20 22.75 -7.62 -8.32
CA VAL A 20 22.94 -8.11 -6.97
C VAL A 20 23.13 -9.63 -7.03
N THR A 21 24.27 -10.09 -6.53
CA THR A 21 24.56 -11.49 -6.43
C THR A 21 24.86 -11.88 -5.00
N CYS A 22 24.34 -13.03 -4.62
CA CYS A 22 24.58 -13.63 -3.33
C CYS A 22 24.71 -15.12 -3.59
N GLY A 23 25.92 -15.64 -3.47
CA GLY A 23 26.10 -17.05 -3.73
C GLY A 23 25.98 -17.31 -5.22
N THR A 24 25.10 -18.21 -5.62
CA THR A 24 24.89 -18.59 -6.98
C THR A 24 23.71 -17.84 -7.61
N THR A 25 23.02 -17.04 -6.82
CA THR A 25 21.78 -16.37 -7.23
C THR A 25 22.08 -14.92 -7.61
N THR A 26 21.61 -14.47 -8.82
CA THR A 26 21.82 -13.10 -9.23
C THR A 26 20.45 -12.59 -9.69
N LEU A 27 20.18 -11.36 -9.35
CA LEU A 27 18.97 -10.70 -9.77
C LEU A 27 19.31 -9.23 -9.84
N ASN A 28 18.28 -8.39 -9.98
CA ASN A 28 18.47 -6.95 -10.11
C ASN A 28 18.15 -6.21 -8.83
N GLY A 29 18.81 -5.06 -8.65
CA GLY A 29 18.48 -4.18 -7.57
C GLY A 29 18.23 -2.78 -8.13
N LEU A 30 17.58 -1.96 -7.33
CA LEU A 30 17.21 -0.59 -7.64
C LEU A 30 18.01 0.31 -6.72
N TRP A 31 18.84 1.17 -7.29
CA TRP A 31 19.86 1.95 -6.57
C TRP A 31 19.38 3.39 -6.49
N LEU A 32 18.97 3.78 -5.27
CA LEU A 32 18.44 5.12 -5.02
C LEU A 32 19.18 5.72 -3.82
N ASP A 33 19.89 6.82 -4.04
CA ASP A 33 20.81 7.38 -3.00
C ASP A 33 21.76 6.25 -2.58
N ASP A 34 21.95 5.98 -1.30
CA ASP A 34 22.94 5.00 -0.86
C ASP A 34 22.31 3.66 -0.46
N VAL A 35 21.16 3.31 -1.05
CA VAL A 35 20.44 2.08 -0.74
C VAL A 35 20.17 1.33 -2.04
N VAL A 36 20.44 0.03 -2.05
CA VAL A 36 20.01 -0.83 -3.14
C VAL A 36 18.88 -1.69 -2.62
N TYR A 37 17.74 -1.66 -3.32
CA TYR A 37 16.56 -2.45 -2.96
C TYR A 37 16.45 -3.66 -3.85
N CYS A 38 16.16 -4.85 -3.30
CA CYS A 38 16.12 -6.02 -4.13
C CYS A 38 15.25 -7.05 -3.49
N PRO A 39 14.79 -8.02 -4.27
CA PRO A 39 14.04 -9.11 -3.64
C PRO A 39 14.89 -9.90 -2.66
N ARG A 40 14.26 -10.31 -1.54
CA ARG A 40 15.01 -11.00 -0.49
C ARG A 40 15.42 -12.42 -0.89
N HIS A 41 14.77 -13.01 -1.88
CA HIS A 41 15.15 -14.36 -2.20
C HIS A 41 16.49 -14.47 -2.95
N VAL A 42 17.20 -13.36 -3.11
CA VAL A 42 18.56 -13.45 -3.58
C VAL A 42 19.43 -14.22 -2.55
N ILE A 43 19.03 -14.32 -1.28
CA ILE A 43 19.81 -15.07 -0.30
C ILE A 43 19.51 -16.55 -0.29
N CYS A 44 18.57 -17.01 -1.09
CA CYS A 44 18.24 -18.42 -1.12
C CYS A 44 19.19 -19.19 -2.01
N THR A 45 19.45 -20.45 -1.63
CA THR A 45 19.98 -21.41 -2.58
C THR A 45 18.81 -22.17 -3.20
N SER A 46 19.09 -22.92 -4.26
CA SER A 46 18.00 -23.62 -4.94
C SER A 46 17.36 -24.68 -4.07
N GLU A 47 18.03 -25.13 -2.99
CA GLU A 47 17.44 -26.08 -2.05
C GLU A 47 16.66 -25.38 -0.93
N ASP A 48 16.66 -24.05 -0.89
CA ASP A 48 16.01 -23.28 0.17
C ASP A 48 14.69 -22.67 -0.24
N MET A 49 14.26 -22.81 -1.51
CA MET A 49 13.17 -21.96 -1.99
C MET A 49 11.77 -22.53 -1.80
N LEU A 50 11.64 -23.78 -1.35
CA LEU A 50 10.33 -24.31 -0.96
C LEU A 50 9.82 -23.69 0.34
N ASN A 51 10.55 -23.85 1.44
CA ASN A 51 10.19 -23.29 2.74
C ASN A 51 11.35 -22.47 3.26
N PRO A 52 11.60 -21.30 2.67
CA PRO A 52 12.74 -20.49 3.08
C PRO A 52 12.49 -19.88 4.44
N ASN A 53 13.46 -20.06 5.33
CA ASN A 53 13.44 -19.36 6.61
C ASN A 53 14.30 -18.15 6.44
N TYR A 54 13.68 -17.05 5.98
CA TYR A 54 14.50 -15.92 5.56
C TYR A 54 15.25 -15.26 6.71
N GLU A 55 14.64 -15.27 7.88
CA GLU A 55 15.28 -14.66 9.04
C GLU A 55 16.60 -15.38 9.35
N ASP A 56 16.56 -16.71 9.36
CA ASP A 56 17.74 -17.51 9.66
C ASP A 56 18.75 -17.44 8.54
N LEU A 57 18.27 -17.39 7.28
CA LEU A 57 19.19 -17.25 6.14
C LEU A 57 19.96 -15.94 6.25
N LEU A 58 19.25 -14.83 6.49
CA LEU A 58 19.91 -13.54 6.62
C LEU A 58 20.91 -13.53 7.79
N ILE A 59 20.62 -14.26 8.88
CA ILE A 59 21.58 -14.31 10.00
C ILE A 59 22.96 -14.75 9.53
N ARG A 60 23.03 -15.85 8.77
CA ARG A 60 24.30 -16.37 8.29
C ARG A 60 24.86 -15.56 7.09
N LYS A 61 24.33 -14.37 6.79
CA LYS A 61 24.84 -13.52 5.72
C LYS A 61 25.42 -12.26 6.31
N SER A 62 26.61 -11.90 5.85
CA SER A 62 27.22 -10.61 6.17
C SER A 62 27.33 -9.77 4.92
N ASN A 63 27.76 -8.53 5.11
CA ASN A 63 27.76 -7.55 4.02
C ASN A 63 28.57 -8.04 2.82
N HIS A 64 29.75 -8.58 3.03
CA HIS A 64 30.61 -8.96 1.89
C HIS A 64 29.97 -10.08 1.04
N ASN A 65 28.90 -10.70 1.53
CA ASN A 65 28.24 -11.76 0.81
C ASN A 65 27.34 -11.22 -0.32
N PHE A 66 27.07 -9.93 -0.34
CA PHE A 66 26.23 -9.26 -1.32
C PHE A 66 27.15 -8.56 -2.29
N LEU A 67 27.24 -9.13 -3.50
CA LEU A 67 28.08 -8.58 -4.55
C LEU A 67 27.19 -7.71 -5.42
N VAL A 68 27.44 -6.41 -5.39
CA VAL A 68 26.64 -5.40 -6.07
C VAL A 68 27.50 -4.71 -7.10
N GLN A 69 27.04 -4.73 -8.35
CA GLN A 69 27.76 -4.13 -9.46
C GLN A 69 26.88 -3.14 -10.20
N ALA A 70 27.37 -1.90 -10.36
CA ALA A 70 26.67 -0.89 -11.14
C ALA A 70 27.48 -0.61 -12.43
N GLY A 71 27.02 -1.13 -13.54
CA GLY A 71 27.87 -1.07 -14.73
C GLY A 71 29.16 -1.81 -14.46
N ASN A 72 30.30 -1.16 -14.67
CA ASN A 72 31.58 -1.75 -14.31
C ASN A 72 32.14 -1.19 -13.00
N VAL A 73 31.26 -0.66 -12.13
CA VAL A 73 31.66 -0.17 -10.80
C VAL A 73 31.16 -1.14 -9.75
N GLN A 74 32.07 -1.64 -8.93
CA GLN A 74 31.69 -2.35 -7.72
C GLN A 74 31.26 -1.37 -6.62
N LEU A 75 30.07 -1.58 -6.07
CA LEU A 75 29.64 -0.89 -4.85
C LEU A 75 29.99 -1.75 -3.65
N ARG A 76 30.31 -1.10 -2.55
CA ARG A 76 30.58 -1.82 -1.30
C ARG A 76 29.33 -1.85 -0.44
N VAL A 77 28.86 -3.03 -0.05
CA VAL A 77 27.76 -3.13 0.89
C VAL A 77 28.29 -2.90 2.29
N ILE A 78 27.76 -1.87 2.98
CA ILE A 78 28.17 -1.50 4.34
C ILE A 78 27.10 -1.79 5.39
N GLY A 79 26.02 -2.45 4.99
CA GLY A 79 24.95 -2.76 5.91
C GLY A 79 23.79 -3.38 5.17
N HIS A 80 23.05 -4.26 5.84
CA HIS A 80 21.90 -4.90 5.23
C HIS A 80 20.81 -5.07 6.26
N SER A 81 19.57 -4.90 5.81
CA SER A 81 18.40 -5.24 6.59
C SER A 81 17.34 -5.77 5.64
N MET A 82 16.39 -6.54 6.21
CA MET A 82 15.30 -7.11 5.43
C MET A 82 14.04 -6.38 5.87
N GLN A 83 13.26 -5.92 4.91
CA GLN A 83 12.00 -5.25 5.16
C GLN A 83 10.92 -5.96 4.36
N ASN A 84 10.05 -6.71 5.02
CA ASN A 84 8.99 -7.44 4.32
C ASN A 84 9.73 -8.33 3.32
N CYS A 85 9.40 -8.31 2.03
CA CYS A 85 10.04 -9.26 1.11
C CYS A 85 11.18 -8.63 0.32
N VAL A 86 11.63 -7.43 0.68
CA VAL A 86 12.83 -6.86 0.07
C VAL A 86 14.01 -6.76 1.06
N LEU A 87 15.20 -6.68 0.47
CA LEU A 87 16.44 -6.40 1.21
C LEU A 87 16.78 -4.95 0.92
N LYS A 88 17.31 -4.24 1.92
CA LYS A 88 17.81 -2.89 1.78
C LYS A 88 19.32 -2.95 2.08
N LEU A 89 20.12 -2.85 1.06
CA LEU A 89 21.56 -2.94 1.17
C LEU A 89 22.09 -1.51 1.15
N LYS A 90 22.73 -1.11 2.26
CA LYS A 90 23.36 0.20 2.36
C LYS A 90 24.70 0.06 1.65
N VAL A 91 24.97 1.01 0.76
CA VAL A 91 26.20 1.01 -0.01
C VAL A 91 26.98 2.25 0.34
N ASP A 92 28.30 2.21 0.09
CA ASP A 92 29.21 3.29 0.48
C ASP A 92 29.15 4.49 -0.45
N THR A 93 28.28 4.47 -1.46
CA THR A 93 28.23 5.52 -2.47
C THR A 93 26.77 5.84 -2.78
N ALA A 94 26.50 7.12 -2.98
CA ALA A 94 25.19 7.53 -3.42
C ALA A 94 25.09 7.50 -4.94
N ASN A 95 23.93 7.07 -5.47
CA ASN A 95 23.73 7.03 -6.92
C ASN A 95 23.62 8.42 -7.50
N PRO A 96 24.58 8.89 -8.30
CA PRO A 96 24.50 10.25 -8.83
C PRO A 96 23.40 10.45 -9.82
N LYS A 97 22.83 9.37 -10.33
CA LYS A 97 21.75 9.44 -11.28
C LYS A 97 20.39 9.20 -10.61
N THR A 98 20.34 9.18 -9.28
CA THR A 98 19.06 9.08 -8.61
C THR A 98 18.13 10.17 -9.12
N PRO A 99 16.95 9.83 -9.64
CA PRO A 99 15.99 10.85 -10.07
C PRO A 99 15.10 11.25 -8.88
N LYS A 100 14.30 12.30 -9.09
CA LYS A 100 13.19 12.56 -8.18
C LYS A 100 12.23 11.37 -8.24
N TYR A 101 11.88 10.81 -7.08
CA TYR A 101 11.08 9.59 -7.08
C TYR A 101 10.15 9.54 -5.88
N LYS A 102 9.11 8.71 -6.03
CA LYS A 102 8.14 8.35 -5.01
C LYS A 102 7.98 6.83 -5.04
N PHE A 103 7.66 6.25 -3.89
CA PHE A 103 7.16 4.88 -3.79
C PHE A 103 5.66 4.97 -3.66
N VAL A 104 4.90 4.23 -4.50
CA VAL A 104 3.44 4.17 -4.35
C VAL A 104 2.88 2.77 -4.49
N ARG A 105 1.72 2.53 -3.92
CA ARG A 105 1.02 1.26 -4.13
C ARG A 105 -0.07 1.51 -5.16
N ILE A 106 -0.02 0.80 -6.26
CA ILE A 106 -0.98 1.13 -7.31
C ILE A 106 -2.23 0.31 -7.05
N GLN A 107 -3.34 0.75 -7.59
CA GLN A 107 -4.63 0.12 -7.47
C GLN A 107 -4.81 -0.83 -8.65
N PRO A 108 -5.57 -1.92 -8.46
CA PRO A 108 -5.92 -2.77 -9.60
C PRO A 108 -6.59 -1.95 -10.67
N GLY A 109 -6.30 -2.29 -11.91
CA GLY A 109 -6.76 -1.53 -13.02
C GLY A 109 -5.85 -0.43 -13.50
N GLN A 110 -4.91 -0.01 -12.69
CA GLN A 110 -3.97 1.01 -13.12
C GLN A 110 -2.82 0.35 -13.87
N THR A 111 -2.14 1.16 -14.67
CA THR A 111 -1.09 0.67 -15.54
C THR A 111 0.26 1.26 -15.15
N PHE A 112 1.32 0.68 -15.68
CA PHE A 112 2.67 1.14 -15.40
C PHE A 112 3.61 0.55 -16.45
N SER A 113 4.76 1.18 -16.63
CA SER A 113 5.80 0.64 -17.49
C SER A 113 6.72 -0.27 -16.68
N VAL A 114 7.14 -1.33 -17.31
CA VAL A 114 8.12 -2.23 -16.73
C VAL A 114 9.43 -2.12 -17.49
N LEU A 115 10.53 -1.97 -16.77
CA LEU A 115 11.87 -2.04 -17.34
C LEU A 115 12.40 -3.43 -16.99
N ALA A 116 12.22 -4.37 -17.93
CA ALA A 116 12.70 -5.71 -17.71
C ALA A 116 14.23 -5.74 -17.79
N CYS A 117 14.87 -6.29 -16.74
CA CYS A 117 16.32 -6.33 -16.61
C CYS A 117 16.82 -7.74 -16.32
N TYR A 118 18.06 -7.99 -16.79
CA TYR A 118 18.88 -9.14 -16.42
C TYR A 118 20.28 -8.68 -16.11
N ASN A 119 20.85 -9.20 -15.02
CA ASN A 119 22.25 -8.89 -14.66
C ASN A 119 22.48 -7.40 -14.43
N GLY A 120 21.45 -6.74 -13.93
CA GLY A 120 21.52 -5.33 -13.72
C GLY A 120 21.36 -4.48 -14.93
N SER A 121 21.09 -5.08 -16.07
CA SER A 121 21.11 -4.33 -17.29
C SER A 121 19.75 -4.35 -17.96
N PRO A 122 19.31 -3.23 -18.51
CA PRO A 122 18.00 -3.19 -19.19
C PRO A 122 17.91 -4.11 -20.40
N SER A 123 16.85 -4.89 -20.47
CA SER A 123 16.57 -5.69 -21.65
C SER A 123 15.46 -5.10 -22.53
N GLY A 124 14.41 -4.51 -21.95
CA GLY A 124 13.34 -3.94 -22.76
C GLY A 124 12.30 -3.27 -21.88
N VAL A 125 11.35 -2.62 -22.54
CA VAL A 125 10.34 -1.85 -21.84
C VAL A 125 8.96 -2.17 -22.43
N TYR A 126 8.00 -2.34 -21.55
CA TYR A 126 6.65 -2.61 -22.02
C TYR A 126 5.68 -2.13 -20.95
N GLN A 127 4.40 -1.98 -21.35
CA GLN A 127 3.33 -1.50 -20.50
C GLN A 127 2.53 -2.68 -19.95
N CYS A 128 2.16 -2.61 -18.67
CA CYS A 128 1.35 -3.59 -17.94
C CYS A 128 0.21 -2.91 -17.19
N ALA A 129 -0.82 -3.68 -16.88
CA ALA A 129 -1.82 -3.26 -15.93
C ALA A 129 -1.76 -4.17 -14.71
N MET A 130 -2.05 -3.61 -13.56
CA MET A 130 -2.30 -4.45 -12.39
C MET A 130 -3.68 -5.08 -12.54
N ARG A 131 -3.73 -6.40 -12.65
CA ARG A 131 -5.00 -7.08 -12.84
C ARG A 131 -5.83 -6.96 -11.57
N PRO A 132 -7.14 -7.19 -11.67
CA PRO A 132 -7.93 -7.27 -10.44
C PRO A 132 -7.55 -8.38 -9.50
N ASN A 133 -6.99 -9.47 -10.03
CA ASN A 133 -6.54 -10.54 -9.18
C ASN A 133 -5.10 -10.35 -8.68
N PHE A 134 -4.55 -9.16 -8.88
CA PHE A 134 -3.26 -8.71 -8.34
C PHE A 134 -2.07 -9.40 -8.99
N THR A 135 -2.25 -9.99 -10.15
CA THR A 135 -1.11 -10.40 -10.93
C THR A 135 -0.89 -9.35 -12.04
N ILE A 136 0.23 -9.52 -12.74
CA ILE A 136 0.42 -8.80 -13.97
C ILE A 136 0.79 -9.78 -15.06
N LYS A 137 0.49 -9.40 -16.28
CA LYS A 137 0.73 -10.25 -17.43
C LYS A 137 1.99 -9.70 -18.08
N GLY A 138 3.13 -10.06 -17.50
CA GLY A 138 4.40 -9.53 -17.95
C GLY A 138 5.13 -10.54 -18.83
N SER A 139 6.40 -10.22 -19.07
CA SER A 139 7.34 -11.02 -19.84
C SER A 139 8.64 -11.04 -19.04
N PHE A 140 8.87 -12.13 -18.31
CA PHE A 140 9.92 -12.21 -17.32
C PHE A 140 10.48 -13.61 -17.36
N LEU A 141 11.81 -13.68 -17.30
CA LEU A 141 12.52 -14.94 -17.17
C LEU A 141 13.27 -15.04 -15.84
N ASN A 142 13.89 -16.21 -15.62
CA ASN A 142 14.81 -16.35 -14.48
C ASN A 142 15.89 -15.27 -14.53
N GLY A 143 16.06 -14.57 -13.42
CA GLY A 143 16.98 -13.46 -13.32
C GLY A 143 16.37 -12.10 -13.45
N SER A 144 15.06 -12.04 -13.73
CA SER A 144 14.41 -10.75 -13.90
C SER A 144 13.93 -10.17 -12.60
N ALA A 145 13.96 -10.93 -11.52
CA ALA A 145 13.42 -10.39 -10.27
C ALA A 145 14.25 -9.18 -9.90
N GLY A 146 13.58 -8.23 -9.30
CA GLY A 146 14.16 -6.94 -9.08
C GLY A 146 13.91 -5.90 -10.14
N SER A 147 13.49 -6.28 -11.35
CA SER A 147 13.01 -5.31 -12.32
C SER A 147 11.81 -4.59 -11.73
N VAL A 148 11.65 -3.34 -12.12
CA VAL A 148 10.64 -2.49 -11.52
C VAL A 148 9.64 -1.97 -12.55
N GLY A 149 8.43 -1.69 -12.03
CA GLY A 149 7.40 -0.96 -12.75
C GLY A 149 7.30 0.44 -12.17
N PHE A 150 6.99 1.37 -13.07
CA PHE A 150 6.98 2.77 -12.73
C PHE A 150 6.04 3.57 -13.65
N ASN A 151 5.72 4.74 -13.17
CA ASN A 151 5.05 5.79 -13.90
C ASN A 151 5.91 7.04 -13.74
N ILE A 152 5.78 7.96 -14.69
CA ILE A 152 6.47 9.25 -14.70
C ILE A 152 5.42 10.36 -14.76
N ASP A 153 5.66 11.43 -13.98
CA ASP A 153 4.84 12.65 -13.99
C ASP A 153 5.84 13.80 -13.92
N TYR A 154 5.95 14.57 -15.01
CA TYR A 154 6.96 15.59 -15.11
C TYR A 154 8.34 14.96 -15.00
N ASP A 155 9.01 15.12 -13.86
CA ASP A 155 10.34 14.56 -13.64
C ASP A 155 10.38 13.55 -12.49
N CYS A 156 9.23 13.26 -11.88
CA CYS A 156 9.13 12.37 -10.73
C CYS A 156 8.76 10.97 -11.18
N VAL A 157 9.63 10.01 -10.86
CA VAL A 157 9.38 8.60 -11.16
C VAL A 157 8.64 8.02 -9.97
N SER A 158 7.45 7.49 -10.20
CA SER A 158 6.74 6.79 -9.15
C SER A 158 6.94 5.29 -9.34
N PHE A 159 7.73 4.67 -8.49
CA PHE A 159 7.92 3.23 -8.54
C PHE A 159 6.73 2.59 -7.84
N CYS A 160 6.11 1.60 -8.48
CA CYS A 160 4.95 0.92 -7.93
C CYS A 160 5.10 -0.60 -7.87
N TYR A 161 6.09 -1.17 -8.52
CA TYR A 161 6.18 -2.62 -8.58
C TYR A 161 7.66 -3.05 -8.59
N MET A 162 7.95 -4.12 -7.88
CA MET A 162 9.22 -4.77 -8.08
C MET A 162 8.89 -6.24 -8.28
N HIS A 163 9.49 -6.83 -9.32
CA HIS A 163 9.14 -8.18 -9.70
C HIS A 163 9.81 -9.24 -8.83
N HIS A 164 9.09 -10.32 -8.53
CA HIS A 164 9.65 -11.39 -7.74
C HIS A 164 9.51 -12.75 -8.41
N MET A 165 8.33 -13.08 -8.97
CA MET A 165 8.09 -14.47 -9.22
C MET A 165 7.01 -14.68 -10.30
N GLU A 166 6.96 -15.90 -10.81
CA GLU A 166 5.98 -16.31 -11.81
C GLU A 166 5.10 -17.46 -11.26
N LEU A 167 3.82 -17.33 -11.52
CA LEU A 167 2.80 -18.27 -11.07
C LEU A 167 2.62 -19.32 -12.15
N PRO A 168 1.90 -20.39 -11.84
CA PRO A 168 1.87 -21.52 -12.80
C PRO A 168 1.08 -21.26 -14.06
N THR A 169 0.23 -20.27 -14.09
CA THR A 169 -0.41 -19.90 -15.36
C THR A 169 0.45 -18.98 -16.22
N GLY A 170 1.69 -18.73 -15.84
CA GLY A 170 2.54 -17.85 -16.61
C GLY A 170 2.34 -16.38 -16.37
N VAL A 171 1.60 -16.00 -15.35
CA VAL A 171 1.50 -14.63 -14.95
C VAL A 171 2.47 -14.37 -13.80
N HIS A 172 2.55 -13.14 -13.40
CA HIS A 172 3.64 -12.66 -12.57
C HIS A 172 3.13 -11.96 -11.32
N ALA A 173 3.94 -12.06 -10.25
CA ALA A 173 3.61 -11.49 -8.95
C ALA A 173 4.81 -10.80 -8.34
N GLY A 174 4.53 -9.74 -7.63
CA GLY A 174 5.63 -8.98 -7.10
C GLY A 174 5.07 -8.07 -6.02
N THR A 175 5.92 -7.16 -5.58
CA THR A 175 5.66 -6.35 -4.39
C THR A 175 5.65 -4.88 -4.77
N ASP A 176 5.17 -4.06 -3.86
CA ASP A 176 5.49 -2.65 -3.95
C ASP A 176 6.95 -2.45 -3.48
N LEU A 177 7.41 -1.23 -3.39
CA LEU A 177 8.79 -0.95 -3.05
C LEU A 177 9.03 -1.00 -1.54
N GLU A 178 8.01 -1.29 -0.75
CA GLU A 178 8.14 -1.59 0.65
C GLU A 178 8.33 -3.07 0.86
N GLY A 179 8.10 -3.86 -0.20
CA GLY A 179 8.31 -5.28 -0.10
C GLY A 179 7.05 -6.03 0.25
N ASN A 180 5.91 -5.41 0.09
CA ASN A 180 4.63 -6.03 0.41
C ASN A 180 3.94 -6.46 -0.88
N PHE A 181 3.62 -7.76 -0.95
CA PHE A 181 3.09 -8.30 -2.20
C PHE A 181 1.79 -7.62 -2.58
N TYR A 182 1.58 -7.49 -3.88
CA TYR A 182 0.25 -7.31 -4.47
C TYR A 182 -0.40 -8.69 -4.50
N GLY A 183 -1.58 -8.84 -3.86
CA GLY A 183 -2.26 -10.11 -3.79
C GLY A 183 -1.80 -11.09 -2.73
N PRO A 184 -2.53 -12.20 -2.65
CA PRO A 184 -2.25 -13.18 -1.58
C PRO A 184 -1.14 -14.17 -1.93
N PHE A 185 -0.01 -13.63 -2.33
CA PHE A 185 1.12 -14.45 -2.77
C PHE A 185 2.29 -14.28 -1.84
N VAL A 186 3.10 -15.34 -1.76
CA VAL A 186 4.30 -15.40 -0.95
C VAL A 186 5.52 -15.81 -1.80
N ASP A 187 6.70 -15.32 -1.38
CA ASP A 187 7.96 -15.59 -2.12
C ASP A 187 8.56 -16.94 -1.75
N ARG A 188 7.88 -17.99 -2.19
CA ARG A 188 8.34 -19.34 -1.95
C ARG A 188 7.80 -20.12 -3.13
N GLN A 189 8.46 -21.23 -3.42
CA GLN A 189 8.07 -22.09 -4.52
C GLN A 189 7.09 -23.13 -4.02
N THR A 190 6.11 -22.65 -3.25
CA THR A 190 4.94 -23.43 -2.86
C THR A 190 3.87 -23.38 -3.97
N ALA A 191 2.90 -24.29 -3.85
CA ALA A 191 1.74 -24.30 -4.73
C ALA A 191 0.95 -23.04 -4.48
N GLN A 192 0.84 -22.23 -5.51
CA GLN A 192 0.06 -21.02 -5.42
C GLN A 192 -0.67 -20.84 -6.74
N ALA A 193 -1.81 -20.12 -6.71
CA ALA A 193 -2.57 -19.87 -7.92
C ALA A 193 -3.14 -18.48 -7.90
N ALA A 194 -3.15 -17.83 -9.06
CA ALA A 194 -3.86 -16.58 -9.20
C ALA A 194 -5.34 -16.82 -9.07
N GLY A 195 -6.03 -15.88 -8.40
CA GLY A 195 -7.47 -15.96 -8.28
C GLY A 195 -8.16 -15.61 -9.60
N THR A 196 -9.49 -15.74 -9.60
CA THR A 196 -10.21 -15.46 -10.85
C THR A 196 -10.07 -13.98 -11.16
N ASP A 197 -9.91 -13.68 -12.42
CA ASP A 197 -9.64 -12.32 -12.87
C ASP A 197 -10.90 -11.78 -13.55
N THR A 198 -11.09 -10.48 -13.49
CA THR A 198 -12.18 -9.81 -14.17
C THR A 198 -11.62 -8.80 -15.17
N THR A 199 -12.48 -8.37 -16.07
CA THR A 199 -12.07 -7.38 -17.05
C THR A 199 -12.34 -5.99 -16.54
N ILE A 200 -11.38 -5.10 -16.82
CA ILE A 200 -11.37 -3.71 -16.34
C ILE A 200 -12.26 -2.86 -17.23
N THR A 201 -13.56 -2.85 -16.90
CA THR A 201 -14.58 -2.20 -17.73
C THR A 201 -14.21 -0.76 -18.09
N VAL A 202 -13.88 0.06 -17.09
CA VAL A 202 -13.59 1.45 -17.42
C VAL A 202 -12.44 1.58 -18.42
N ASN A 203 -11.45 0.70 -18.38
CA ASN A 203 -10.36 0.77 -19.36
C ASN A 203 -10.85 0.41 -20.75
N VAL A 204 -11.72 -0.62 -20.87
CA VAL A 204 -12.26 -0.98 -22.16
C VAL A 204 -12.99 0.21 -22.76
N LEU A 205 -13.78 0.92 -21.94
CA LEU A 205 -14.47 2.11 -22.47
C LEU A 205 -13.44 3.17 -22.91
N ALA A 206 -12.40 3.41 -22.12
CA ALA A 206 -11.39 4.38 -22.55
C ALA A 206 -10.78 4.03 -23.90
N TRP A 207 -10.51 2.78 -24.13
CA TRP A 207 -9.94 2.37 -25.39
C TRP A 207 -10.92 2.52 -26.53
N LEU A 208 -12.20 2.29 -26.26
CA LEU A 208 -13.19 2.57 -27.29
C LEU A 208 -13.20 4.03 -27.67
N TYR A 209 -13.07 4.92 -26.68
CA TYR A 209 -12.92 6.34 -26.98
C TYR A 209 -11.65 6.60 -27.80
N ALA A 210 -10.54 5.98 -27.42
CA ALA A 210 -9.33 6.07 -28.24
C ALA A 210 -9.62 5.68 -29.68
N ALA A 211 -10.38 4.59 -29.88
CA ALA A 211 -10.63 4.15 -31.23
C ALA A 211 -11.46 5.16 -32.02
N VAL A 212 -12.42 5.82 -31.36
CA VAL A 212 -13.23 6.84 -32.04
C VAL A 212 -12.35 8.02 -32.46
N ILE A 213 -11.55 8.55 -31.52
CA ILE A 213 -10.55 9.58 -31.80
C ILE A 213 -9.79 9.24 -33.06
N ASN A 214 -9.51 7.97 -33.31
CA ASN A 214 -8.74 7.54 -34.46
C ASN A 214 -9.59 7.07 -35.63
N GLY A 215 -10.87 7.39 -35.60
CA GLY A 215 -11.69 7.20 -36.79
C GLY A 215 -12.40 5.86 -36.93
N ASP A 216 -12.23 4.95 -35.96
CA ASP A 216 -13.07 3.75 -35.94
C ASP A 216 -14.43 4.18 -35.40
N ARG A 217 -15.48 3.84 -36.16
CA ARG A 217 -16.85 4.21 -35.78
C ARG A 217 -17.87 3.11 -35.98
N TRP A 218 -17.48 1.94 -36.51
CA TRP A 218 -18.47 0.95 -36.88
C TRP A 218 -19.28 0.45 -35.71
N PHE A 219 -18.73 0.52 -34.49
CA PHE A 219 -19.40 -0.01 -33.30
C PHE A 219 -20.30 1.02 -32.60
N LEU A 220 -20.44 2.22 -33.15
CA LEU A 220 -21.13 3.29 -32.45
C LEU A 220 -22.63 3.32 -32.76
N ASN A 221 -23.30 4.45 -32.37
CA ASN A 221 -24.73 4.75 -32.64
C ASN A 221 -25.61 3.55 -32.36
N ARG A 222 -25.33 2.93 -31.23
CA ARG A 222 -26.21 1.92 -30.67
C ARG A 222 -27.39 2.64 -29.97
N PHE A 223 -28.49 1.92 -29.84
CA PHE A 223 -29.53 2.34 -28.91
C PHE A 223 -28.90 2.53 -27.53
N THR A 224 -29.19 3.65 -26.89
CA THR A 224 -28.53 3.96 -25.62
C THR A 224 -28.89 2.96 -24.52
N THR A 225 -28.25 3.10 -23.34
CA THR A 225 -28.50 2.23 -22.21
C THR A 225 -28.45 3.05 -20.92
N THR A 226 -29.00 2.46 -19.86
CA THR A 226 -28.83 2.94 -18.50
C THR A 226 -27.72 2.15 -17.79
N LEU A 227 -27.24 2.71 -16.67
CA LEU A 227 -26.15 2.07 -15.93
C LEU A 227 -26.52 0.69 -15.45
N ASN A 228 -27.71 0.52 -14.84
CA ASN A 228 -28.01 -0.80 -14.30
C ASN A 228 -28.10 -1.82 -15.39
N ASP A 229 -28.77 -1.47 -16.50
CA ASP A 229 -28.88 -2.43 -17.60
C ASP A 229 -27.50 -2.78 -18.13
N PHE A 230 -26.61 -1.79 -18.22
CA PHE A 230 -25.23 -2.09 -18.60
C PHE A 230 -24.59 -3.09 -17.63
N ASN A 231 -24.69 -2.84 -16.31
CA ASN A 231 -24.05 -3.74 -15.35
C ASN A 231 -24.67 -5.14 -15.36
N LEU A 232 -25.98 -5.25 -15.56
CA LEU A 232 -26.57 -6.58 -15.71
C LEU A 232 -25.78 -7.36 -16.76
N VAL A 233 -25.48 -6.72 -17.88
CA VAL A 233 -24.77 -7.40 -18.96
C VAL A 233 -23.31 -7.59 -18.62
N ALA A 234 -22.66 -6.53 -18.13
CA ALA A 234 -21.24 -6.58 -17.80
C ALA A 234 -20.92 -7.77 -16.88
N MET A 235 -21.70 -7.95 -15.83
CA MET A 235 -21.36 -8.99 -14.88
C MET A 235 -21.58 -10.36 -15.45
N LYS A 236 -22.46 -10.50 -16.42
CA LYS A 236 -22.61 -11.78 -17.10
C LYS A 236 -21.32 -12.17 -17.83
N TYR A 237 -20.56 -11.19 -18.32
CA TYR A 237 -19.34 -11.46 -19.06
C TYR A 237 -18.07 -11.21 -18.25
N ASN A 238 -18.17 -11.19 -16.92
CA ASN A 238 -16.99 -11.06 -16.06
C ASN A 238 -16.32 -9.70 -16.20
N TYR A 239 -17.13 -8.68 -16.38
CA TYR A 239 -16.67 -7.30 -16.34
C TYR A 239 -16.99 -6.73 -14.96
N GLU A 240 -16.15 -5.80 -14.53
CA GLU A 240 -16.37 -5.11 -13.27
C GLU A 240 -17.57 -4.20 -13.38
N PRO A 241 -18.46 -4.19 -12.39
CA PRO A 241 -19.63 -3.29 -12.47
C PRO A 241 -19.12 -1.87 -12.60
N LEU A 242 -19.79 -1.07 -13.42
CA LEU A 242 -19.44 0.33 -13.62
C LEU A 242 -20.14 1.20 -12.56
N THR A 243 -19.38 2.12 -11.96
CA THR A 243 -19.86 3.01 -10.92
C THR A 243 -19.87 4.44 -11.44
N GLN A 244 -20.63 5.31 -10.75
CA GLN A 244 -20.71 6.69 -11.20
C GLN A 244 -19.34 7.34 -11.19
N ASP A 245 -18.48 6.91 -10.27
CA ASP A 245 -17.09 7.38 -10.24
C ASP A 245 -16.43 7.07 -11.57
N HIS A 246 -16.53 5.82 -12.03
CA HIS A 246 -15.98 5.48 -13.33
C HIS A 246 -16.59 6.33 -14.44
N VAL A 247 -17.91 6.55 -14.41
CA VAL A 247 -18.51 7.46 -15.38
C VAL A 247 -17.88 8.85 -15.28
N ASP A 248 -17.72 9.33 -14.03
CA ASP A 248 -17.08 10.64 -13.84
C ASP A 248 -15.68 10.66 -14.46
N ILE A 249 -14.90 9.59 -14.22
CA ILE A 249 -13.54 9.53 -14.73
C ILE A 249 -13.50 9.67 -16.24
N LEU A 250 -14.50 9.15 -16.94
CA LEU A 250 -14.51 9.19 -18.41
C LEU A 250 -15.02 10.50 -18.99
N GLY A 251 -15.40 11.47 -18.17
CA GLY A 251 -15.91 12.74 -18.67
C GLY A 251 -15.05 13.40 -19.74
N PRO A 252 -13.78 13.62 -19.43
CA PRO A 252 -12.91 14.30 -20.40
C PRO A 252 -12.90 13.66 -21.77
N LEU A 253 -12.89 12.33 -21.84
CA LEU A 253 -12.94 11.67 -23.15
C LEU A 253 -14.33 11.80 -23.76
N SER A 254 -15.37 11.64 -22.94
CA SER A 254 -16.75 11.78 -23.40
C SER A 254 -16.96 13.17 -23.99
N ALA A 255 -16.62 14.20 -23.23
CA ALA A 255 -16.69 15.57 -23.71
C ALA A 255 -15.88 15.75 -24.99
N GLN A 256 -14.65 15.26 -25.02
CA GLN A 256 -13.78 15.49 -26.19
C GLN A 256 -14.41 14.91 -27.46
N THR A 257 -14.94 13.68 -27.37
CA THR A 257 -15.52 13.04 -28.54
C THR A 257 -16.97 13.40 -28.76
N GLY A 258 -17.63 13.89 -27.71
CA GLY A 258 -19.05 14.17 -27.83
C GLY A 258 -19.92 12.93 -27.85
N ILE A 259 -19.43 11.84 -27.28
CA ILE A 259 -20.20 10.62 -27.11
C ILE A 259 -20.41 10.40 -25.62
N ALA A 260 -21.66 10.39 -25.20
CA ALA A 260 -21.96 10.23 -23.79
C ALA A 260 -21.43 8.90 -23.30
N VAL A 261 -20.91 8.89 -22.09
CA VAL A 261 -20.43 7.65 -21.51
C VAL A 261 -21.45 6.54 -21.68
N LEU A 262 -22.72 6.82 -21.39
CA LEU A 262 -23.69 5.72 -21.45
C LEU A 262 -23.94 5.30 -22.87
N ASP A 263 -23.66 6.16 -23.84
CA ASP A 263 -23.70 5.69 -25.23
C ASP A 263 -22.53 4.74 -25.52
N MET A 264 -21.33 5.09 -25.10
CA MET A 264 -20.25 4.13 -25.18
C MET A 264 -20.57 2.85 -24.50
N CYS A 265 -21.19 2.94 -23.30
CA CYS A 265 -21.61 1.74 -22.60
C CYS A 265 -22.50 0.91 -23.49
N ALA A 266 -23.43 1.56 -24.20
CA ALA A 266 -24.32 0.78 -25.08
C ALA A 266 -23.54 0.13 -26.22
N SER A 267 -22.54 0.84 -26.77
CA SER A 267 -21.68 0.17 -27.76
C SER A 267 -20.96 -1.04 -27.18
N LEU A 268 -20.43 -0.90 -25.95
CA LEU A 268 -19.75 -2.02 -25.31
C LEU A 268 -20.71 -3.14 -25.02
N LYS A 269 -21.93 -2.80 -24.54
CA LYS A 269 -22.94 -3.82 -24.31
C LYS A 269 -23.15 -4.70 -25.54
N GLU A 270 -23.38 -4.05 -26.69
CA GLU A 270 -23.59 -4.78 -27.93
C GLU A 270 -22.37 -5.60 -28.31
N LEU A 271 -21.17 -5.04 -28.12
CA LEU A 271 -19.94 -5.80 -28.41
C LEU A 271 -19.83 -7.05 -27.54
N LEU A 272 -20.19 -6.95 -26.26
CA LEU A 272 -20.14 -8.14 -25.41
C LEU A 272 -21.13 -9.20 -25.87
N GLN A 273 -22.32 -8.78 -26.28
CA GLN A 273 -23.38 -9.75 -26.59
C GLN A 273 -23.25 -10.34 -27.98
N ASN A 274 -22.72 -9.60 -28.93
CA ASN A 274 -22.62 -10.07 -30.31
C ASN A 274 -21.20 -10.26 -30.77
N GLY A 275 -20.23 -9.89 -29.96
CA GLY A 275 -18.87 -9.99 -30.44
C GLY A 275 -18.61 -8.94 -31.51
N MET A 276 -17.46 -9.09 -32.16
CA MET A 276 -17.07 -8.19 -33.20
C MET A 276 -17.36 -8.72 -34.58
N ASN A 277 -17.73 -9.99 -34.72
CA ASN A 277 -18.07 -10.61 -36.00
C ASN A 277 -16.93 -10.44 -36.99
N GLY A 278 -15.76 -11.00 -36.59
CA GLY A 278 -14.57 -10.93 -37.40
C GLY A 278 -13.90 -9.57 -37.53
N ARG A 279 -14.57 -8.49 -37.12
CA ARG A 279 -14.05 -7.14 -37.32
C ARG A 279 -13.03 -6.77 -36.23
N THR A 280 -12.34 -5.67 -36.43
CA THR A 280 -11.28 -5.26 -35.52
C THR A 280 -11.40 -3.81 -35.11
N ILE A 281 -10.87 -3.49 -33.94
CA ILE A 281 -10.84 -2.14 -33.39
C ILE A 281 -9.38 -1.86 -33.03
N LEU A 282 -8.81 -0.80 -33.58
CA LEU A 282 -7.42 -0.39 -33.31
C LEU A 282 -6.47 -1.60 -33.42
N GLY A 283 -6.69 -2.41 -34.44
CA GLY A 283 -5.84 -3.54 -34.74
C GLY A 283 -6.09 -4.77 -33.93
N SER A 284 -7.14 -4.80 -33.11
CA SER A 284 -7.37 -5.91 -32.21
C SER A 284 -8.74 -6.52 -32.47
N ALA A 285 -8.82 -7.81 -32.33
CA ALA A 285 -10.07 -8.55 -32.45
C ALA A 285 -10.68 -8.86 -31.10
N LEU A 286 -10.07 -8.37 -30.03
CA LEU A 286 -10.50 -8.58 -28.65
C LEU A 286 -10.62 -7.23 -27.98
N LEU A 287 -11.49 -7.14 -26.97
CA LEU A 287 -11.64 -5.88 -26.26
C LEU A 287 -10.45 -5.68 -25.32
N GLU A 288 -9.77 -4.57 -25.45
CA GLU A 288 -8.51 -4.28 -24.76
C GLU A 288 -8.79 -3.52 -23.46
N ASP A 289 -8.24 -4.02 -22.33
CA ASP A 289 -8.52 -3.37 -21.05
C ASP A 289 -7.27 -2.88 -20.32
N GLU A 290 -6.11 -2.73 -20.99
CA GLU A 290 -4.89 -2.26 -20.31
C GLU A 290 -4.48 -0.85 -20.72
N PHE A 291 -5.47 -0.03 -21.13
CA PHE A 291 -5.27 1.41 -21.24
C PHE A 291 -6.23 2.10 -20.29
N THR A 292 -5.70 2.91 -19.37
CA THR A 292 -6.56 3.74 -18.53
C THR A 292 -7.02 5.01 -19.28
N PRO A 293 -8.07 5.70 -18.77
CA PRO A 293 -8.45 6.97 -19.42
C PRO A 293 -7.29 7.95 -19.50
N PHE A 294 -6.47 8.05 -18.46
CA PHE A 294 -5.29 8.91 -18.55
C PHE A 294 -4.34 8.43 -19.62
N ASP A 295 -4.09 7.12 -19.70
CA ASP A 295 -3.24 6.62 -20.77
C ASP A 295 -3.72 7.12 -22.13
N VAL A 296 -5.04 7.15 -22.34
CA VAL A 296 -5.56 7.53 -23.65
C VAL A 296 -5.37 9.03 -23.82
N VAL A 297 -5.77 9.81 -22.82
CA VAL A 297 -5.58 11.26 -22.91
C VAL A 297 -4.12 11.58 -23.14
N ARG A 298 -3.22 10.89 -22.40
CA ARG A 298 -1.78 11.18 -22.51
C ARG A 298 -1.26 10.89 -23.92
N GLN A 299 -1.68 9.78 -24.52
CA GLN A 299 -1.14 9.46 -25.84
C GLN A 299 -1.78 10.27 -26.92
N CYS A 300 -3.10 10.52 -26.84
CA CYS A 300 -3.78 11.23 -27.92
C CYS A 300 -3.54 12.75 -27.88
N SER A 301 -3.07 13.29 -26.76
CA SER A 301 -2.70 14.71 -26.64
C SER A 301 -1.19 14.96 -26.82
N GLY A 302 -0.33 14.01 -26.46
CA GLY A 302 1.10 14.16 -26.64
C GLY A 302 1.84 14.69 -25.44
N VAL A 303 1.37 14.39 -24.22
CA VAL A 303 2.11 14.75 -23.03
C VAL A 303 3.54 14.21 -23.11
N THR A 304 4.51 15.03 -22.70
CA THR A 304 5.92 14.66 -22.72
C THR A 304 6.53 14.76 -21.33
N PHE A 305 7.75 14.21 -21.23
CA PHE A 305 8.48 14.04 -19.97
C PHE A 305 9.97 14.40 -20.19
N SER B 1 -14.82 12.10 15.05
CA SER B 1 -15.71 10.91 15.21
C SER B 1 -14.88 9.67 15.64
N GLY B 2 -15.62 8.63 16.04
CA GLY B 2 -15.02 7.38 16.50
C GLY B 2 -15.13 7.25 18.02
N PHE B 3 -15.11 6.03 18.50
CA PHE B 3 -15.24 5.85 19.94
C PHE B 3 -14.51 4.59 20.32
N ARG B 4 -13.46 4.75 21.11
CA ARG B 4 -12.55 3.69 21.47
C ARG B 4 -12.50 3.56 22.99
N LYS B 5 -12.12 2.38 23.46
CA LYS B 5 -11.72 2.21 24.86
C LYS B 5 -10.42 2.96 25.07
N MET B 6 -10.49 4.10 25.72
CA MET B 6 -9.37 5.02 25.75
C MET B 6 -8.88 5.13 27.20
N ALA B 7 -7.59 4.91 27.39
CA ALA B 7 -6.92 5.01 28.66
C ALA B 7 -6.36 6.40 28.82
N PHE B 8 -6.09 6.74 30.08
CA PHE B 8 -5.36 7.97 30.34
C PHE B 8 -3.91 7.82 29.90
N PRO B 9 -3.27 8.92 29.51
CA PRO B 9 -1.83 8.86 29.25
C PRO B 9 -1.15 8.37 30.51
N SER B 10 -0.20 7.49 30.34
CA SER B 10 0.35 6.75 31.45
C SER B 10 1.65 7.32 31.96
N GLY B 11 2.17 8.39 31.34
CA GLY B 11 3.53 8.82 31.63
C GLY B 11 3.74 9.18 33.10
N LYS B 12 2.80 9.91 33.72
CA LYS B 12 2.97 10.29 35.14
C LYS B 12 3.06 9.07 36.05
N VAL B 13 2.34 7.99 35.71
CA VAL B 13 2.42 6.78 36.54
C VAL B 13 3.67 5.96 36.22
N GLU B 14 4.12 5.96 34.97
CA GLU B 14 5.31 5.18 34.64
C GLU B 14 6.49 5.60 35.49
N GLY B 15 6.58 6.87 35.84
CA GLY B 15 7.68 7.37 36.60
C GLY B 15 7.66 6.94 38.05
N CYS B 16 6.56 6.32 38.49
CA CYS B 16 6.43 5.87 39.87
C CYS B 16 6.60 4.36 40.04
N MET B 17 6.77 3.62 38.98
CA MET B 17 6.88 2.19 39.10
C MET B 17 8.29 1.79 39.44
N VAL B 18 8.42 0.95 40.47
CA VAL B 18 9.67 0.29 40.84
C VAL B 18 9.45 -1.22 40.98
N GLN B 19 10.55 -1.93 41.13
CA GLN B 19 10.57 -3.37 41.29
C GLN B 19 10.90 -3.65 42.75
N VAL B 20 10.19 -4.59 43.37
CA VAL B 20 10.40 -4.99 44.76
C VAL B 20 10.63 -6.49 44.78
N THR B 21 11.74 -6.93 45.38
CA THR B 21 12.09 -8.35 45.38
C THR B 21 12.36 -8.78 46.82
N CYS B 22 12.02 -10.05 47.11
CA CYS B 22 12.16 -10.64 48.45
C CYS B 22 12.15 -12.15 48.20
N GLY B 23 13.34 -12.76 48.14
CA GLY B 23 13.34 -14.17 47.90
C GLY B 23 13.34 -14.59 46.47
N THR B 24 12.67 -15.70 46.15
CA THR B 24 12.36 -15.94 44.74
C THR B 24 11.07 -15.20 44.28
N THR B 25 10.69 -14.13 44.99
CA THR B 25 9.38 -13.48 44.83
C THR B 25 9.60 -12.02 44.50
N THR B 26 9.15 -11.62 43.30
CA THR B 26 9.28 -10.22 42.87
C THR B 26 7.94 -9.71 42.36
N LEU B 27 7.72 -8.41 42.54
CA LEU B 27 6.51 -7.76 42.02
C LEU B 27 6.77 -6.26 41.91
N ASN B 28 5.73 -5.49 41.66
CA ASN B 28 5.88 -4.08 41.40
C ASN B 28 5.57 -3.29 42.64
N GLY B 29 6.21 -2.14 42.75
CA GLY B 29 5.82 -1.15 43.72
C GLY B 29 5.59 0.20 43.11
N LEU B 30 4.95 1.05 43.91
CA LEU B 30 4.58 2.41 43.54
C LEU B 30 5.38 3.35 44.43
N TRP B 31 6.21 4.18 43.83
CA TRP B 31 7.17 5.05 44.52
C TRP B 31 6.62 6.45 44.46
N LEU B 32 6.15 6.94 45.60
CA LEU B 32 5.69 8.30 45.71
C LEU B 32 6.41 8.93 46.90
N ASP B 33 7.01 10.13 46.68
CA ASP B 33 7.77 10.80 47.74
C ASP B 33 8.82 9.79 48.18
N ASP B 34 8.98 9.51 49.47
CA ASP B 34 9.99 8.57 49.95
C ASP B 34 9.40 7.23 50.43
N VAL B 35 8.22 6.87 49.91
CA VAL B 35 7.55 5.62 50.29
C VAL B 35 7.26 4.77 49.04
N VAL B 36 7.58 3.49 49.12
CA VAL B 36 7.26 2.52 48.10
C VAL B 36 6.13 1.62 48.63
N TYR B 37 4.97 1.67 47.97
CA TYR B 37 3.83 0.81 48.30
C TYR B 37 3.89 -0.43 47.42
N CYS B 38 3.64 -1.60 48.02
CA CYS B 38 3.64 -2.82 47.25
C CYS B 38 2.78 -3.84 47.95
N PRO B 39 2.30 -4.87 47.24
CA PRO B 39 1.46 -5.85 47.92
C PRO B 39 2.25 -6.58 48.99
N ARG B 40 1.58 -6.99 50.09
CA ARG B 40 2.37 -7.64 51.16
C ARG B 40 2.76 -9.06 50.84
N HIS B 41 2.13 -9.70 49.84
CA HIS B 41 2.46 -11.06 49.64
C HIS B 41 3.94 -11.24 48.96
N VAL B 42 4.61 -10.09 48.83
CA VAL B 42 5.99 -10.15 48.37
C VAL B 42 6.89 -10.76 49.43
N ILE B 43 6.38 -10.87 50.67
CA ILE B 43 7.18 -11.51 51.73
C ILE B 43 6.86 -12.99 51.86
N CYS B 44 6.05 -13.53 50.96
CA CYS B 44 5.68 -14.93 51.01
C CYS B 44 6.60 -15.77 50.13
N THR B 45 6.74 -17.06 50.48
CA THR B 45 7.35 -18.09 49.65
C THR B 45 6.27 -19.07 49.21
N SER B 46 6.59 -19.89 48.19
CA SER B 46 5.56 -20.75 47.61
C SER B 46 4.85 -21.60 48.66
N GLU B 47 5.60 -22.14 49.63
CA GLU B 47 4.98 -22.92 50.70
C GLU B 47 4.07 -22.08 51.59
N ASP B 48 4.27 -20.77 51.62
CA ASP B 48 3.58 -19.89 52.55
C ASP B 48 2.36 -19.19 51.96
N MET B 49 1.83 -19.69 50.82
CA MET B 49 0.80 -18.92 50.14
C MET B 49 -0.62 -19.42 50.38
N LEU B 50 -0.78 -20.65 50.89
CA LEU B 50 -2.10 -21.11 51.29
C LEU B 50 -2.60 -20.38 52.54
N ASN B 51 -1.81 -20.43 53.62
CA ASN B 51 -2.18 -19.76 54.88
C ASN B 51 -1.04 -18.90 55.38
N PRO B 52 -0.75 -17.78 54.69
CA PRO B 52 0.33 -16.90 55.15
C PRO B 52 -0.04 -16.25 56.46
N ASN B 53 0.91 -16.26 57.40
CA ASN B 53 0.79 -15.55 58.67
C ASN B 53 1.61 -14.29 58.49
N TYR B 54 0.97 -13.24 57.97
CA TYR B 54 1.73 -12.08 57.52
C TYR B 54 2.39 -11.35 58.69
N GLU B 55 1.75 -11.30 59.89
CA GLU B 55 2.39 -10.61 61.01
C GLU B 55 3.72 -11.29 61.39
N ASP B 56 3.78 -12.62 61.28
CA ASP B 56 4.99 -13.36 61.60
C ASP B 56 6.04 -13.21 60.49
N LEU B 57 5.61 -13.39 59.23
CA LEU B 57 6.52 -13.28 58.10
C LEU B 57 7.20 -11.92 58.09
N LEU B 58 6.50 -10.86 58.50
CA LEU B 58 7.08 -9.52 58.41
C LEU B 58 8.10 -9.25 59.52
N ILE B 59 7.77 -9.66 60.75
CA ILE B 59 8.72 -9.41 61.85
C ILE B 59 10.02 -10.19 61.63
N ARG B 60 9.97 -11.32 60.93
CA ARG B 60 11.21 -12.03 60.58
C ARG B 60 12.07 -11.15 59.62
N LYS B 61 11.61 -10.96 58.39
CA LYS B 61 12.30 -10.13 57.40
C LYS B 61 12.63 -8.75 57.98
N SER B 62 13.78 -8.19 57.57
CA SER B 62 14.12 -6.78 57.82
C SER B 62 14.51 -6.08 56.52
N ASN B 63 14.68 -4.75 56.64
CA ASN B 63 14.90 -3.85 55.50
C ASN B 63 15.70 -4.43 54.34
N HIS B 64 16.88 -4.98 54.60
CA HIS B 64 17.73 -5.41 53.50
C HIS B 64 17.13 -6.60 52.74
N ASN B 65 16.09 -7.24 53.29
CA ASN B 65 15.51 -8.37 52.56
C ASN B 65 14.57 -7.91 51.46
N PHE B 66 14.26 -6.63 51.44
CA PHE B 66 13.52 -5.98 50.36
C PHE B 66 14.49 -5.32 49.39
N LEU B 67 14.70 -5.92 48.23
CA LEU B 67 15.49 -5.34 47.14
C LEU B 67 14.56 -4.53 46.25
N VAL B 68 14.61 -3.20 46.39
CA VAL B 68 13.84 -2.23 45.61
C VAL B 68 14.74 -1.63 44.52
N GLN B 69 14.44 -1.95 43.25
CA GLN B 69 15.16 -1.40 42.09
C GLN B 69 14.28 -0.45 41.29
N ALA B 70 14.74 0.80 41.14
CA ALA B 70 14.10 1.80 40.29
C ALA B 70 14.96 1.97 39.04
N GLY B 71 14.60 1.28 37.97
CA GLY B 71 15.50 1.26 36.82
C GLY B 71 16.75 0.48 37.16
N ASN B 72 17.89 1.12 36.92
CA ASN B 72 19.19 0.53 37.22
C ASN B 72 19.75 1.03 38.56
N VAL B 73 18.87 1.52 39.43
CA VAL B 73 19.25 2.14 40.69
C VAL B 73 18.66 1.29 41.81
N GLN B 74 19.50 0.88 42.75
CA GLN B 74 19.05 0.14 43.92
C GLN B 74 18.73 1.16 45.00
N LEU B 75 17.46 1.21 45.40
CA LEU B 75 17.04 2.12 46.45
C LEU B 75 17.39 1.48 47.80
N ARG B 76 17.55 2.35 48.79
CA ARG B 76 17.90 1.92 50.14
C ARG B 76 16.68 1.92 51.03
N VAL B 77 16.27 0.73 51.47
CA VAL B 77 15.12 0.61 52.36
C VAL B 77 15.57 0.97 53.76
N ILE B 78 15.01 2.05 54.33
CA ILE B 78 15.34 2.47 55.68
C ILE B 78 14.29 2.05 56.72
N GLY B 79 13.12 1.55 56.29
CA GLY B 79 12.11 1.03 57.21
C GLY B 79 10.92 0.45 56.49
N HIS B 80 10.21 -0.47 57.14
CA HIS B 80 9.14 -1.23 56.52
C HIS B 80 8.02 -1.47 57.52
N SER B 81 6.79 -1.06 57.14
CA SER B 81 5.60 -1.36 57.92
C SER B 81 4.52 -1.95 57.00
N MET B 82 3.54 -2.59 57.64
CA MET B 82 2.41 -3.26 56.96
C MET B 82 1.12 -2.53 57.29
N GLN B 83 0.36 -2.15 56.26
CA GLN B 83 -0.93 -1.49 56.43
C GLN B 83 -1.94 -2.33 55.68
N ASN B 84 -2.73 -3.14 56.38
CA ASN B 84 -3.78 -3.96 55.72
C ASN B 84 -3.02 -4.90 54.81
N CYS B 85 -3.35 -4.98 53.50
CA CYS B 85 -2.71 -5.91 52.60
C CYS B 85 -1.58 -5.28 51.78
N VAL B 86 -1.14 -4.09 52.14
CA VAL B 86 0.02 -3.49 51.48
C VAL B 86 1.16 -3.23 52.45
N LEU B 87 2.37 -3.13 51.87
CA LEU B 87 3.59 -2.79 52.61
C LEU B 87 3.94 -1.35 52.24
N LYS B 88 4.60 -0.67 53.17
CA LYS B 88 5.01 0.72 53.00
C LYS B 88 6.50 0.74 53.30
N LEU B 89 7.34 0.83 52.27
CA LEU B 89 8.79 0.78 52.39
C LEU B 89 9.28 2.22 52.30
N LYS B 90 9.76 2.78 53.43
CA LYS B 90 10.34 4.12 53.41
C LYS B 90 11.76 3.96 52.87
N VAL B 91 12.14 4.87 51.97
CA VAL B 91 13.45 4.82 51.33
C VAL B 91 14.14 6.15 51.54
N ASP B 92 15.47 6.14 51.34
CA ASP B 92 16.27 7.30 51.70
C ASP B 92 16.22 8.43 50.67
N THR B 93 15.32 8.36 49.71
CA THR B 93 15.31 9.28 48.57
C THR B 93 13.88 9.43 48.06
N ALA B 94 13.44 10.66 47.97
CA ALA B 94 12.13 10.94 47.44
C ALA B 94 12.13 10.81 45.92
N ASN B 95 11.03 10.29 45.38
CA ASN B 95 10.97 10.13 43.93
C ASN B 95 10.86 11.49 43.26
N PRO B 96 11.85 11.94 42.50
CA PRO B 96 11.73 13.27 41.86
C PRO B 96 10.57 13.37 40.88
N LYS B 97 10.09 12.25 40.38
CA LYS B 97 9.02 12.21 39.41
C LYS B 97 7.65 12.08 40.06
N THR B 98 7.56 12.15 41.39
CA THR B 98 6.28 12.04 42.06
C THR B 98 5.30 13.07 41.49
N PRO B 99 4.14 12.68 41.01
CA PRO B 99 3.16 13.65 40.55
C PRO B 99 2.31 14.14 41.70
N LYS B 100 1.60 15.23 41.43
CA LYS B 100 0.49 15.57 42.28
C LYS B 100 -0.46 14.37 42.28
N TYR B 101 -0.78 13.82 43.46
CA TYR B 101 -1.59 12.62 43.50
C TYR B 101 -2.53 12.59 44.69
N LYS B 102 -3.51 11.68 44.62
CA LYS B 102 -4.44 11.35 45.71
C LYS B 102 -4.64 9.84 45.70
N PHE B 103 -4.96 9.28 46.86
CA PHE B 103 -5.45 7.92 46.95
C PHE B 103 -6.97 7.96 47.11
N VAL B 104 -7.69 7.16 46.32
CA VAL B 104 -9.16 7.18 46.43
C VAL B 104 -9.67 5.75 46.39
N ARG B 105 -10.78 5.52 47.03
CA ARG B 105 -11.47 4.24 46.93
C ARG B 105 -12.65 4.47 45.99
N ILE B 106 -12.74 3.68 44.94
CA ILE B 106 -13.76 3.93 43.93
C ILE B 106 -14.93 3.02 44.20
N GLN B 107 -16.05 3.39 43.66
CA GLN B 107 -17.28 2.67 43.73
C GLN B 107 -17.43 1.77 42.52
N PRO B 108 -18.18 0.68 42.68
CA PRO B 108 -18.52 -0.15 41.51
C PRO B 108 -19.16 0.69 40.43
N GLY B 109 -18.85 0.35 39.20
CA GLY B 109 -19.28 1.09 38.04
C GLY B 109 -18.33 2.17 37.60
N GLN B 110 -17.43 2.66 38.45
CA GLN B 110 -16.45 3.65 38.01
C GLN B 110 -15.30 2.96 37.27
N THR B 111 -14.67 3.68 36.38
CA THR B 111 -13.63 3.13 35.55
C THR B 111 -12.28 3.73 35.93
N PHE B 112 -11.26 3.08 35.41
CA PHE B 112 -9.90 3.56 35.66
C PHE B 112 -8.99 2.93 34.63
N SER B 113 -7.84 3.59 34.40
CA SER B 113 -6.79 3.04 33.58
C SER B 113 -5.87 2.17 34.43
N VAL B 114 -5.42 1.07 33.86
CA VAL B 114 -4.43 0.20 34.49
C VAL B 114 -3.11 0.29 33.73
N LEU B 115 -2.02 0.51 34.44
CA LEU B 115 -0.69 0.37 33.84
C LEU B 115 -0.15 -0.97 34.32
N ALA B 116 -0.17 -1.95 33.43
CA ALA B 116 0.23 -3.30 33.75
C ALA B 116 1.75 -3.38 33.61
N CYS B 117 2.38 -3.85 34.70
CA CYS B 117 3.84 -3.85 34.81
C CYS B 117 4.35 -5.23 35.23
N TYR B 118 5.60 -5.54 34.80
CA TYR B 118 6.35 -6.71 35.22
C TYR B 118 7.79 -6.26 35.53
N ASN B 119 8.30 -6.71 36.67
CA ASN B 119 9.66 -6.41 37.06
C ASN B 119 9.89 -4.90 37.17
N GLY B 120 8.86 -4.19 37.60
CA GLY B 120 8.91 -2.78 37.74
C GLY B 120 8.83 -2.02 36.44
N SER B 121 8.64 -2.68 35.35
CA SER B 121 8.62 -1.98 34.07
C SER B 121 7.24 -2.06 33.42
N PRO B 122 6.80 -0.98 32.77
CA PRO B 122 5.48 -0.98 32.10
C PRO B 122 5.43 -1.94 30.91
N SER B 123 4.37 -2.68 30.83
CA SER B 123 4.06 -3.56 29.71
C SER B 123 2.93 -3.00 28.84
N GLY B 124 1.89 -2.39 29.41
CA GLY B 124 0.77 -1.92 28.64
C GLY B 124 -0.20 -1.12 29.47
N VAL B 125 -1.14 -0.48 28.75
CA VAL B 125 -2.14 0.32 29.42
C VAL B 125 -3.52 -0.06 28.85
N TYR B 126 -4.52 -0.14 29.74
CA TYR B 126 -5.87 -0.48 29.29
C TYR B 126 -6.86 0.02 30.32
N GLN B 127 -8.13 0.11 29.90
CA GLN B 127 -9.22 0.66 30.74
C GLN B 127 -9.99 -0.49 31.39
N CYS B 128 -10.36 -0.32 32.66
CA CYS B 128 -11.16 -1.26 33.42
C CYS B 128 -12.27 -0.55 34.15
N ALA B 129 -13.32 -1.31 34.47
CA ALA B 129 -14.35 -0.90 35.40
C ALA B 129 -14.29 -1.74 36.66
N MET B 130 -14.50 -1.12 37.81
CA MET B 130 -14.79 -1.89 39.02
C MET B 130 -16.17 -2.49 38.87
N ARG B 131 -16.25 -3.82 38.78
CA ARG B 131 -17.51 -4.51 38.57
C ARG B 131 -18.36 -4.41 39.83
N PRO B 132 -19.69 -4.54 39.69
CA PRO B 132 -20.55 -4.65 40.90
C PRO B 132 -20.14 -5.72 41.87
N ASN B 133 -19.58 -6.83 41.39
CA ASN B 133 -19.11 -7.88 42.27
C ASN B 133 -17.66 -7.66 42.76
N PHE B 134 -17.14 -6.45 42.57
CA PHE B 134 -15.86 -5.94 43.11
C PHE B 134 -14.64 -6.59 42.49
N THR B 135 -14.78 -7.26 41.36
CA THR B 135 -13.66 -7.76 40.60
C THR B 135 -13.43 -6.78 39.45
N ILE B 136 -12.28 -6.96 38.81
CA ILE B 136 -12.03 -6.27 37.55
C ILE B 136 -11.69 -7.31 36.50
N LYS B 137 -12.07 -7.03 35.28
CA LYS B 137 -11.77 -7.88 34.13
C LYS B 137 -10.52 -7.30 33.48
N GLY B 138 -9.37 -7.67 34.05
CA GLY B 138 -8.09 -7.15 33.62
C GLY B 138 -7.33 -8.16 32.77
N SER B 139 -6.08 -7.83 32.49
CA SER B 139 -5.15 -8.72 31.78
C SER B 139 -3.86 -8.68 32.59
N PHE B 140 -3.62 -9.75 33.34
CA PHE B 140 -2.57 -9.80 34.33
C PHE B 140 -2.02 -11.21 34.37
N LEU B 141 -0.69 -11.27 34.44
CA LEU B 141 0.05 -12.50 34.60
C LEU B 141 0.80 -12.54 35.93
N ASN B 142 1.40 -13.68 36.21
CA ASN B 142 2.30 -13.76 37.36
C ASN B 142 3.37 -12.69 37.24
N GLY B 143 3.54 -11.95 38.32
CA GLY B 143 4.47 -10.86 38.41
C GLY B 143 3.86 -9.50 38.25
N SER B 144 2.56 -9.41 37.95
CA SER B 144 1.86 -8.13 37.73
C SER B 144 1.34 -7.51 39.00
N ALA B 145 1.43 -8.18 40.12
CA ALA B 145 0.98 -7.52 41.33
C ALA B 145 1.79 -6.27 41.62
N GLY B 146 1.04 -5.31 42.15
CA GLY B 146 1.59 -4.02 42.40
C GLY B 146 1.38 -3.07 41.24
N SER B 147 0.99 -3.59 40.07
CA SER B 147 0.48 -2.67 39.05
C SER B 147 -0.73 -1.92 39.60
N VAL B 148 -0.89 -0.68 39.16
CA VAL B 148 -1.92 0.16 39.70
C VAL B 148 -2.92 0.64 38.67
N GLY B 149 -4.08 1.05 39.17
CA GLY B 149 -5.08 1.70 38.36
C GLY B 149 -5.31 3.11 38.87
N PHE B 150 -5.68 3.99 37.96
CA PHE B 150 -5.71 5.41 38.27
C PHE B 150 -6.62 6.15 37.30
N ASN B 151 -6.99 7.35 37.74
CA ASN B 151 -7.61 8.36 36.88
C ASN B 151 -6.77 9.62 36.98
N ILE B 152 -6.88 10.50 36.00
CA ILE B 152 -6.21 11.79 36.05
C ILE B 152 -7.27 12.89 35.96
N ASP B 153 -7.05 13.97 36.73
CA ASP B 153 -7.84 15.21 36.68
C ASP B 153 -6.83 16.35 36.56
N TYR B 154 -6.78 16.98 35.40
CA TYR B 154 -5.73 17.98 35.12
C TYR B 154 -4.35 17.34 35.29
N ASP B 155 -3.71 17.60 36.43
CA ASP B 155 -2.38 17.06 36.68
C ASP B 155 -2.33 16.18 37.94
N CYS B 156 -3.47 15.95 38.59
CA CYS B 156 -3.54 15.10 39.77
C CYS B 156 -3.84 13.67 39.38
N VAL B 157 -2.97 12.73 39.77
CA VAL B 157 -3.21 11.31 39.58
C VAL B 157 -3.93 10.80 40.80
N SER B 158 -5.16 10.31 40.61
CA SER B 158 -5.93 9.66 41.68
C SER B 158 -5.75 8.16 41.54
N PHE B 159 -4.94 7.60 42.42
CA PHE B 159 -4.73 6.18 42.42
C PHE B 159 -5.84 5.49 43.17
N CYS B 160 -6.43 4.45 42.55
CA CYS B 160 -7.59 3.78 43.14
C CYS B 160 -7.49 2.25 43.27
N TYR B 161 -6.46 1.63 42.69
CA TYR B 161 -6.40 0.19 42.63
C TYR B 161 -4.93 -0.24 42.61
N MET B 162 -4.61 -1.23 43.41
CA MET B 162 -3.36 -1.93 43.26
C MET B 162 -3.65 -3.42 43.10
N HIS B 163 -3.06 -4.01 42.11
CA HIS B 163 -3.38 -5.37 41.78
C HIS B 163 -2.73 -6.39 42.71
N HIS B 164 -3.47 -7.47 43.06
CA HIS B 164 -2.90 -8.51 43.93
C HIS B 164 -3.05 -9.90 43.35
N MET B 165 -4.20 -10.23 42.76
CA MET B 165 -4.40 -11.65 42.50
C MET B 165 -5.46 -11.93 41.46
N GLU B 166 -5.54 -13.19 41.06
CA GLU B 166 -6.47 -13.64 40.05
C GLU B 166 -7.38 -14.75 40.56
N LEU B 167 -8.66 -14.63 40.21
CA LEU B 167 -9.66 -15.58 40.65
C LEU B 167 -9.87 -16.65 39.60
N PRO B 168 -10.56 -17.73 39.95
CA PRO B 168 -10.59 -18.89 39.03
C PRO B 168 -11.27 -18.63 37.68
N THR B 169 -12.16 -17.66 37.58
CA THR B 169 -12.79 -17.40 36.29
C THR B 169 -11.97 -16.46 35.44
N GLY B 170 -10.73 -16.19 35.81
CA GLY B 170 -9.87 -15.30 35.08
C GLY B 170 -10.06 -13.81 35.32
N VAL B 171 -10.79 -13.43 36.34
CA VAL B 171 -10.95 -12.06 36.69
C VAL B 171 -10.04 -11.79 37.87
N HIS B 172 -9.96 -10.50 38.25
CA HIS B 172 -8.87 -10.04 39.08
C HIS B 172 -9.37 -9.32 40.32
N ALA B 173 -8.57 -9.44 41.34
CA ALA B 173 -8.87 -8.79 42.60
C ALA B 173 -7.67 -8.07 43.17
N GLY B 174 -7.92 -6.95 43.85
CA GLY B 174 -6.91 -6.10 44.43
C GLY B 174 -7.49 -5.13 45.45
N THR B 175 -6.68 -4.15 45.83
CA THR B 175 -6.98 -3.28 46.96
C THR B 175 -6.97 -1.84 46.53
N ASP B 176 -7.47 -0.97 47.42
CA ASP B 176 -7.15 0.43 47.27
C ASP B 176 -5.70 0.66 47.78
N LEU B 177 -5.22 1.92 47.74
CA LEU B 177 -3.83 2.17 48.11
C LEU B 177 -3.65 2.22 49.60
N GLU B 178 -4.75 2.20 50.38
CA GLU B 178 -4.68 1.93 51.82
C GLU B 178 -4.52 0.44 52.13
N GLY B 179 -4.59 -0.43 51.12
CA GLY B 179 -4.47 -1.84 51.31
C GLY B 179 -5.72 -2.62 51.63
N ASN B 180 -6.89 -2.03 51.54
CA ASN B 180 -8.12 -2.77 51.76
C ASN B 180 -8.68 -3.33 50.47
N PHE B 181 -8.96 -4.63 50.49
CA PHE B 181 -9.44 -5.26 49.29
C PHE B 181 -10.79 -4.66 48.88
N TYR B 182 -11.00 -4.57 47.58
CA TYR B 182 -12.33 -4.42 46.99
C TYR B 182 -12.94 -5.82 47.02
N GLY B 183 -14.12 -5.95 47.61
CA GLY B 183 -14.80 -7.19 47.60
C GLY B 183 -14.37 -8.07 48.76
N PRO B 184 -14.98 -9.23 48.86
CA PRO B 184 -14.73 -10.18 49.97
C PRO B 184 -13.65 -11.20 49.66
N PHE B 185 -12.49 -10.71 49.26
CA PHE B 185 -11.38 -11.55 48.87
C PHE B 185 -10.25 -11.32 49.84
N VAL B 186 -9.38 -12.31 49.85
CA VAL B 186 -8.22 -12.32 50.72
C VAL B 186 -6.97 -12.72 49.94
N ASP B 187 -5.82 -12.16 50.38
CA ASP B 187 -4.54 -12.39 49.67
C ASP B 187 -3.89 -13.67 50.15
N ARG B 188 -4.46 -14.79 49.68
CA ARG B 188 -3.96 -16.11 49.95
C ARG B 188 -4.58 -17.02 48.94
N GLN B 189 -3.95 -18.15 48.72
CA GLN B 189 -4.34 -19.06 47.66
C GLN B 189 -5.27 -20.16 48.16
N THR B 190 -6.30 -19.76 48.88
CA THR B 190 -7.42 -20.62 49.20
C THR B 190 -8.51 -20.53 48.12
N ALA B 191 -9.51 -21.38 48.26
CA ALA B 191 -10.63 -21.40 47.34
C ALA B 191 -11.44 -20.12 47.47
N GLN B 192 -11.56 -19.38 46.38
CA GLN B 192 -12.29 -18.14 46.39
C GLN B 192 -13.00 -18.01 45.04
N ALA B 193 -14.16 -17.36 45.06
CA ALA B 193 -14.88 -17.18 43.79
C ALA B 193 -15.55 -15.84 43.74
N ALA B 194 -15.59 -15.27 42.56
CA ALA B 194 -16.34 -14.04 42.38
C ALA B 194 -17.83 -14.32 42.53
N GLY B 195 -18.53 -13.39 43.16
CA GLY B 195 -19.97 -13.45 43.23
C GLY B 195 -20.63 -13.16 41.89
N THR B 196 -21.97 -13.30 41.88
CA THR B 196 -22.71 -12.98 40.66
C THR B 196 -22.59 -11.49 40.38
N ASP B 197 -22.41 -11.19 39.10
CA ASP B 197 -22.18 -9.81 38.68
C ASP B 197 -23.49 -9.26 38.09
N THR B 198 -23.55 -7.95 37.92
CA THR B 198 -24.67 -7.30 37.25
C THR B 198 -24.12 -6.27 36.27
N THR B 199 -25.00 -5.78 35.41
CA THR B 199 -24.59 -4.82 34.42
C THR B 199 -24.80 -3.38 34.88
N ILE B 200 -23.80 -2.53 34.60
CA ILE B 200 -23.82 -1.14 35.08
C ILE B 200 -24.72 -0.30 34.15
N THR B 201 -25.99 -0.16 34.52
CA THR B 201 -26.98 0.47 33.62
C THR B 201 -26.59 1.86 33.17
N VAL B 202 -26.23 2.72 34.12
CA VAL B 202 -25.98 4.10 33.78
C VAL B 202 -24.88 4.16 32.71
N ASN B 203 -23.92 3.23 32.79
CA ASN B 203 -22.80 3.19 31.83
C ASN B 203 -23.27 2.74 30.44
N VAL B 204 -24.18 1.78 30.37
CA VAL B 204 -24.72 1.38 29.07
C VAL B 204 -25.45 2.54 28.43
N LEU B 205 -26.16 3.32 29.23
CA LEU B 205 -26.86 4.46 28.69
C LEU B 205 -25.85 5.50 28.22
N ALA B 206 -24.76 5.71 28.97
CA ALA B 206 -23.71 6.62 28.51
C ALA B 206 -23.19 6.20 27.14
N TRP B 207 -22.92 4.90 26.98
CA TRP B 207 -22.40 4.38 25.72
C TRP B 207 -23.43 4.51 24.60
N LEU B 208 -24.71 4.32 24.85
CA LEU B 208 -25.70 4.58 23.81
C LEU B 208 -25.72 6.05 23.41
N TYR B 209 -25.48 6.97 24.36
CA TYR B 209 -25.33 8.38 23.98
C TYR B 209 -24.09 8.61 23.12
N ALA B 210 -22.99 7.97 23.44
CA ALA B 210 -21.80 8.03 22.62
C ALA B 210 -22.05 7.51 21.22
N ALA B 211 -22.89 6.48 21.12
CA ALA B 211 -23.23 5.95 19.80
C ALA B 211 -24.05 6.95 19.01
N VAL B 212 -24.98 7.65 19.65
CA VAL B 212 -25.79 8.65 18.95
C VAL B 212 -24.90 9.80 18.50
N ILE B 213 -23.99 10.26 19.38
CA ILE B 213 -23.03 11.32 19.04
C ILE B 213 -22.26 10.91 17.79
N ASN B 214 -21.96 9.64 17.67
CA ASN B 214 -21.23 9.09 16.55
C ASN B 214 -22.08 8.61 15.39
N GLY B 215 -23.37 8.93 15.39
CA GLY B 215 -24.23 8.69 14.23
C GLY B 215 -25.01 7.38 14.22
N ASP B 216 -24.88 6.53 15.22
CA ASP B 216 -25.67 5.31 15.29
C ASP B 216 -27.05 5.72 15.83
N ARG B 217 -28.11 5.40 15.08
CA ARG B 217 -29.45 5.79 15.46
C ARG B 217 -30.50 4.69 15.34
N TRP B 218 -30.14 3.48 14.90
CA TRP B 218 -31.13 2.48 14.59
C TRP B 218 -31.88 2.03 15.81
N PHE B 219 -31.29 2.15 17.00
CA PHE B 219 -31.93 1.70 18.25
C PHE B 219 -32.85 2.72 18.88
N LEU B 220 -32.99 3.90 18.28
CA LEU B 220 -33.74 5.00 18.84
C LEU B 220 -35.21 4.94 18.42
N ASN B 221 -35.96 6.03 18.70
CA ASN B 221 -37.35 6.29 18.25
C ASN B 221 -38.36 5.40 18.99
N ARG B 222 -37.95 4.75 20.05
CA ARG B 222 -38.85 3.87 20.77
C ARG B 222 -40.02 4.69 21.38
N PHE B 223 -41.12 4.00 21.64
CA PHE B 223 -42.12 4.54 22.55
C PHE B 223 -41.45 4.77 23.92
N THR B 224 -41.74 5.89 24.60
CA THR B 224 -40.96 6.20 25.80
C THR B 224 -41.31 5.23 26.94
N THR B 225 -40.61 5.36 28.08
CA THR B 225 -40.84 4.53 29.25
C THR B 225 -40.82 5.43 30.49
N THR B 226 -41.49 4.96 31.54
CA THR B 226 -41.28 5.59 32.84
C THR B 226 -40.08 4.96 33.54
N LEU B 227 -39.49 5.70 34.50
CA LEU B 227 -38.40 5.15 35.30
C LEU B 227 -38.80 3.87 36.01
N ASN B 228 -40.00 3.85 36.64
CA ASN B 228 -40.39 2.63 37.35
C ASN B 228 -40.50 1.49 36.39
N ASP B 229 -41.09 1.71 35.21
CA ASP B 229 -41.32 0.56 34.31
C ASP B 229 -40.01 0.08 33.73
N PHE B 230 -39.11 1.02 33.46
CA PHE B 230 -37.79 0.62 33.02
C PHE B 230 -37.10 -0.21 34.10
N ASN B 231 -37.16 0.23 35.36
CA ASN B 231 -36.44 -0.47 36.41
C ASN B 231 -36.96 -1.88 36.60
N LEU B 232 -38.26 -2.11 36.39
CA LEU B 232 -38.76 -3.48 36.49
C LEU B 232 -38.09 -4.36 35.44
N VAL B 233 -37.92 -3.83 34.23
CA VAL B 233 -37.29 -4.60 33.16
C VAL B 233 -35.83 -4.78 33.47
N ALA B 234 -35.20 -3.74 34.02
CA ALA B 234 -33.77 -3.81 34.32
C ALA B 234 -33.47 -4.99 35.24
N MET B 235 -34.25 -5.12 36.32
CA MET B 235 -33.98 -6.20 37.27
C MET B 235 -34.21 -7.57 36.68
N LYS B 236 -35.17 -7.68 35.75
CA LYS B 236 -35.37 -8.97 35.09
C LYS B 236 -34.11 -9.42 34.35
N TYR B 237 -33.34 -8.48 33.83
CA TYR B 237 -32.19 -8.86 33.01
C TYR B 237 -30.87 -8.63 33.74
N ASN B 238 -30.93 -8.47 35.07
CA ASN B 238 -29.74 -8.37 35.89
C ASN B 238 -28.93 -7.11 35.58
N TYR B 239 -29.63 -6.02 35.43
CA TYR B 239 -29.10 -4.67 35.35
C TYR B 239 -29.33 -3.96 36.68
N GLU B 240 -28.41 -3.08 37.03
CA GLU B 240 -28.58 -2.24 38.22
C GLU B 240 -29.79 -1.31 38.01
N PRO B 241 -30.67 -1.19 39.00
CA PRO B 241 -31.69 -0.14 38.94
C PRO B 241 -31.04 1.21 38.63
N LEU B 242 -31.79 2.03 37.91
CA LEU B 242 -31.40 3.39 37.56
C LEU B 242 -32.05 4.34 38.55
N THR B 243 -31.24 5.18 39.18
CA THR B 243 -31.74 6.13 40.16
C THR B 243 -31.90 7.49 39.53
N GLN B 244 -32.59 8.37 40.26
CA GLN B 244 -32.73 9.73 39.77
C GLN B 244 -31.37 10.41 39.71
N ASP B 245 -30.47 10.10 40.62
CA ASP B 245 -29.10 10.59 40.53
C ASP B 245 -28.44 10.19 39.20
N HIS B 246 -28.62 8.92 38.79
CA HIS B 246 -28.10 8.49 37.49
C HIS B 246 -28.72 9.31 36.35
N VAL B 247 -30.05 9.49 36.39
CA VAL B 247 -30.72 10.31 35.40
C VAL B 247 -30.12 11.71 35.36
N ASP B 248 -29.81 12.27 36.53
CA ASP B 248 -29.22 13.60 36.61
C ASP B 248 -27.85 13.60 35.98
N ILE B 249 -27.06 12.55 36.28
CA ILE B 249 -25.71 12.45 35.73
C ILE B 249 -25.72 12.38 34.21
N LEU B 250 -26.80 11.86 33.61
CA LEU B 250 -26.86 11.79 32.16
C LEU B 250 -27.39 13.09 31.55
N GLY B 251 -27.70 14.10 32.36
CA GLY B 251 -28.25 15.32 31.83
C GLY B 251 -27.43 15.92 30.71
N PRO B 252 -26.13 16.10 30.93
CA PRO B 252 -25.27 16.70 29.89
C PRO B 252 -25.31 15.96 28.55
N LEU B 253 -25.19 14.62 28.56
CA LEU B 253 -25.28 13.89 27.29
C LEU B 253 -26.68 13.99 26.68
N SER B 254 -27.73 13.99 27.51
CA SER B 254 -29.09 14.19 27.03
C SER B 254 -29.26 15.52 26.30
N ALA B 255 -28.77 16.58 26.92
CA ALA B 255 -28.86 17.92 26.32
C ALA B 255 -28.05 18.02 25.02
N GLN B 256 -26.86 17.42 24.98
CA GLN B 256 -26.07 17.47 23.77
C GLN B 256 -26.75 16.77 22.62
N THR B 257 -27.42 15.65 22.88
CA THR B 257 -27.97 14.86 21.79
C THR B 257 -29.44 15.18 21.51
N GLY B 258 -30.10 15.80 22.46
CA GLY B 258 -31.52 16.04 22.37
C GLY B 258 -32.39 14.85 22.64
N ILE B 259 -31.84 13.78 23.20
CA ILE B 259 -32.58 12.57 23.49
C ILE B 259 -32.78 12.54 24.99
N ALA B 260 -34.04 12.60 25.39
CA ALA B 260 -34.38 12.58 26.81
C ALA B 260 -33.88 11.29 27.41
N VAL B 261 -33.47 11.35 28.68
CA VAL B 261 -32.89 10.19 29.33
C VAL B 261 -33.89 9.02 29.30
N LEU B 262 -35.16 9.30 29.63
CA LEU B 262 -36.10 8.18 29.66
C LEU B 262 -36.38 7.65 28.28
N ASP B 263 -36.15 8.44 27.23
CA ASP B 263 -36.23 7.89 25.88
C ASP B 263 -35.06 6.97 25.57
N MET B 264 -33.87 7.35 26.03
CA MET B 264 -32.77 6.40 25.91
C MET B 264 -33.01 5.14 26.76
N CYS B 265 -33.67 5.29 27.92
CA CYS B 265 -34.03 4.11 28.70
C CYS B 265 -34.94 3.22 27.90
N ALA B 266 -35.89 3.83 27.17
CA ALA B 266 -36.81 3.06 26.34
C ALA B 266 -36.06 2.33 25.24
N SER B 267 -35.04 2.97 24.69
CA SER B 267 -34.25 2.23 23.72
C SER B 267 -33.54 1.04 24.34
N LEU B 268 -32.97 1.26 25.53
CA LEU B 268 -32.30 0.15 26.21
C LEU B 268 -33.30 -0.96 26.60
N LYS B 269 -34.48 -0.55 27.05
CA LYS B 269 -35.47 -1.56 27.39
C LYS B 269 -35.78 -2.47 26.21
N GLU B 270 -35.94 -1.88 25.02
CA GLU B 270 -36.22 -2.67 23.81
C GLU B 270 -35.06 -3.59 23.49
N LEU B 271 -33.82 -3.07 23.60
CA LEU B 271 -32.64 -3.88 23.35
C LEU B 271 -32.53 -5.04 24.35
N LEU B 272 -32.89 -4.81 25.61
CA LEU B 272 -32.87 -5.93 26.53
C LEU B 272 -33.93 -7.00 26.20
N GLN B 273 -35.14 -6.57 25.88
CA GLN B 273 -36.21 -7.52 25.60
C GLN B 273 -36.10 -8.21 24.24
N ASN B 274 -35.52 -7.54 23.24
CA ASN B 274 -35.45 -8.09 21.90
C ASN B 274 -34.04 -8.33 21.38
N GLY B 275 -33.03 -7.93 22.06
CA GLY B 275 -31.69 -8.08 21.52
C GLY B 275 -31.44 -7.07 20.41
N MET B 276 -30.30 -7.28 19.76
CA MET B 276 -29.89 -6.39 18.70
C MET B 276 -30.25 -6.86 17.29
N ASN B 277 -30.76 -8.09 17.14
CA ASN B 277 -31.20 -8.63 15.84
C ASN B 277 -30.08 -8.59 14.82
N GLY B 278 -28.89 -9.00 15.24
CA GLY B 278 -27.76 -9.07 14.36
C GLY B 278 -27.04 -7.78 14.10
N ARG B 279 -27.49 -6.67 14.69
CA ARG B 279 -26.89 -5.37 14.45
C ARG B 279 -25.83 -5.04 15.49
N THR B 280 -25.02 -4.03 15.19
CA THR B 280 -23.96 -3.60 16.07
C THR B 280 -24.13 -2.12 16.43
N ILE B 281 -23.51 -1.76 17.54
CA ILE B 281 -23.50 -0.38 18.04
C ILE B 281 -22.04 -0.09 18.36
N LEU B 282 -21.50 0.93 17.73
CA LEU B 282 -20.09 1.30 17.98
C LEU B 282 -19.15 0.08 17.92
N GLY B 283 -19.40 -0.80 16.93
CA GLY B 283 -18.51 -1.93 16.72
C GLY B 283 -18.73 -3.11 17.64
N SER B 284 -19.84 -3.13 18.37
CA SER B 284 -20.05 -4.18 19.35
C SER B 284 -21.41 -4.81 19.10
N ALA B 285 -21.49 -6.11 19.32
CA ALA B 285 -22.73 -6.86 19.24
C ALA B 285 -23.32 -7.12 20.62
N LEU B 286 -22.73 -6.54 21.65
CA LEU B 286 -23.14 -6.66 23.03
C LEU B 286 -23.30 -5.26 23.59
N LEU B 287 -24.14 -5.12 24.63
CA LEU B 287 -24.28 -3.84 25.30
C LEU B 287 -23.06 -3.57 26.19
N GLU B 288 -22.33 -2.52 25.95
CA GLU B 288 -21.06 -2.22 26.64
C GLU B 288 -21.33 -1.39 27.90
N ASP B 289 -20.78 -1.82 29.06
CA ASP B 289 -21.03 -1.11 30.32
C ASP B 289 -19.77 -0.63 31.05
N GLU B 290 -18.63 -0.46 30.36
CA GLU B 290 -17.44 0.05 31.04
C GLU B 290 -17.01 1.40 30.48
N PHE B 291 -17.99 2.21 30.06
CA PHE B 291 -17.76 3.63 29.87
C PHE B 291 -18.72 4.40 30.77
N THR B 292 -18.18 5.26 31.62
CA THR B 292 -19.05 6.16 32.42
C THR B 292 -19.53 7.33 31.60
N PRO B 293 -20.52 8.07 32.11
CA PRO B 293 -20.88 9.33 31.45
C PRO B 293 -19.70 10.30 31.34
N PHE B 294 -18.86 10.38 32.38
CA PHE B 294 -17.68 11.23 32.26
C PHE B 294 -16.71 10.73 31.20
N ASP B 295 -16.52 9.41 31.10
CA ASP B 295 -15.67 8.87 30.05
C ASP B 295 -16.17 9.28 28.67
N VAL B 296 -17.48 9.28 28.47
CA VAL B 296 -18.03 9.60 27.16
C VAL B 296 -17.77 11.06 26.86
N VAL B 297 -18.07 11.93 27.83
CA VAL B 297 -17.86 13.37 27.61
C VAL B 297 -16.38 13.70 27.37
N ARG B 298 -15.51 13.03 28.12
CA ARG B 298 -14.07 13.28 27.98
C ARG B 298 -13.58 12.95 26.58
N GLN B 299 -14.05 11.82 26.04
CA GLN B 299 -13.59 11.40 24.73
C GLN B 299 -14.22 12.22 23.63
N CYS B 300 -15.53 12.41 23.67
CA CYS B 300 -16.25 13.11 22.62
C CYS B 300 -16.02 14.61 22.62
N SER B 301 -15.42 15.18 23.66
CA SER B 301 -15.10 16.62 23.63
C SER B 301 -13.60 16.93 23.71
N GLY B 302 -12.75 15.91 23.68
CA GLY B 302 -11.32 16.11 23.61
C GLY B 302 -10.68 16.75 24.82
N VAL B 303 -11.03 16.31 26.02
CA VAL B 303 -10.39 16.82 27.22
C VAL B 303 -8.97 16.32 27.29
N THR B 304 -8.05 17.19 27.75
CA THR B 304 -6.63 16.84 27.83
C THR B 304 -6.06 17.03 29.24
N PHE B 305 -4.85 16.50 29.44
CA PHE B 305 -4.17 16.51 30.73
C PHE B 305 -2.67 16.90 30.56
N SER C 1 -4.06 -14.20 33.35
CA SER C 1 -5.20 -14.46 32.39
C SER C 1 -5.89 -13.13 32.11
N GLY C 2 -6.79 -13.19 31.21
CA GLY C 2 -7.53 -12.08 30.66
C GLY C 2 -6.87 -11.60 29.38
N PHE C 3 -7.66 -10.90 28.58
CA PHE C 3 -7.18 -10.41 27.29
C PHE C 3 -7.89 -9.12 26.95
N ARG C 4 -7.13 -8.04 26.84
CA ARG C 4 -7.69 -6.71 26.70
C ARG C 4 -7.07 -6.03 25.49
N LYS C 5 -7.73 -5.04 24.94
CA LYS C 5 -7.10 -4.18 23.92
C LYS C 5 -6.08 -3.29 24.65
N MET C 6 -4.80 -3.63 24.55
CA MET C 6 -3.79 -3.07 25.43
C MET C 6 -2.86 -2.19 24.59
N ALA C 7 -2.75 -0.92 24.97
CA ALA C 7 -1.83 0.00 24.33
C ALA C 7 -0.46 -0.03 24.99
N PHE C 8 0.52 0.49 24.27
CA PHE C 8 1.83 0.65 24.81
C PHE C 8 1.76 1.80 25.81
N PRO C 9 2.65 1.80 26.80
CA PRO C 9 2.77 2.96 27.69
C PRO C 9 3.18 4.17 26.88
N SER C 10 2.59 5.32 27.19
CA SER C 10 2.70 6.51 26.34
C SER C 10 3.72 7.58 26.80
N GLY C 11 4.38 7.34 27.92
CA GLY C 11 5.19 8.37 28.52
C GLY C 11 6.30 8.89 27.61
N LYS C 12 7.02 8.00 26.91
CA LYS C 12 8.07 8.41 25.96
C LYS C 12 7.54 9.32 24.86
N VAL C 13 6.30 9.08 24.43
CA VAL C 13 5.73 9.88 23.36
C VAL C 13 5.18 11.20 23.91
N GLU C 14 4.60 11.16 25.10
CA GLU C 14 4.07 12.35 25.74
C GLU C 14 5.06 13.49 25.77
N GLY C 15 6.32 13.15 26.02
CA GLY C 15 7.38 14.11 26.13
C GLY C 15 7.79 14.71 24.81
N CYS C 16 7.21 14.25 23.70
CA CYS C 16 7.53 14.79 22.38
C CYS C 16 6.43 15.62 21.78
N MET C 17 5.31 15.76 22.47
CA MET C 17 4.15 16.37 21.88
C MET C 17 4.20 17.88 22.12
N VAL C 18 4.00 18.65 21.04
CA VAL C 18 3.95 20.11 21.09
C VAL C 18 2.74 20.59 20.28
N GLN C 19 2.44 21.88 20.40
CA GLN C 19 1.39 22.54 19.63
C GLN C 19 2.01 23.43 18.56
N VAL C 20 1.48 23.39 17.34
CA VAL C 20 1.93 24.22 16.23
C VAL C 20 0.75 25.05 15.74
N THR C 21 0.94 26.38 15.69
CA THR C 21 -0.09 27.28 15.17
C THR C 21 0.44 28.15 14.03
N CYS C 22 -0.37 28.29 12.99
CA CYS C 22 -0.09 29.12 11.82
C CYS C 22 -1.39 29.90 11.62
N GLY C 23 -1.34 31.18 12.04
CA GLY C 23 -2.53 31.99 12.07
C GLY C 23 -3.56 31.51 13.06
N THR C 24 -4.74 31.13 12.59
CA THR C 24 -5.79 30.60 13.43
C THR C 24 -5.86 29.07 13.43
N THR C 25 -5.01 28.39 12.67
CA THR C 25 -5.09 26.95 12.46
C THR C 25 -4.07 26.31 13.40
N THR C 26 -4.54 25.44 14.32
CA THR C 26 -3.70 24.81 15.33
C THR C 26 -3.82 23.30 15.24
N LEU C 27 -2.68 22.62 15.40
CA LEU C 27 -2.68 21.17 15.53
C LEU C 27 -1.45 20.75 16.32
N ASN C 28 -1.16 19.46 16.32
CA ASN C 28 -0.09 18.94 17.15
C ASN C 28 1.12 18.70 16.28
N GLY C 29 2.29 18.73 16.94
CA GLY C 29 3.52 18.33 16.33
C GLY C 29 4.32 17.42 17.23
N LEU C 30 5.26 16.71 16.60
CA LEU C 30 6.14 15.76 17.23
C LEU C 30 7.54 16.34 17.23
N TRP C 31 8.11 16.52 18.40
CA TRP C 31 9.36 17.23 18.64
C TRP C 31 10.41 16.20 18.96
N LEU C 32 11.30 15.93 17.98
CA LEU C 32 12.38 15.00 18.16
C LEU C 32 13.70 15.70 17.85
N ASP C 33 14.65 15.63 18.77
CA ASP C 33 15.93 16.39 18.62
C ASP C 33 15.54 17.86 18.34
N ASP C 34 16.04 18.50 17.29
CA ASP C 34 15.70 19.88 17.02
C ASP C 34 14.76 20.08 15.85
N VAL C 35 13.88 19.09 15.57
CA VAL C 35 12.92 19.23 14.49
C VAL C 35 11.52 18.93 15.01
N VAL C 36 10.55 19.74 14.62
CA VAL C 36 9.15 19.46 14.92
C VAL C 36 8.48 19.03 13.62
N TYR C 37 7.82 17.87 13.67
CA TYR C 37 7.11 17.27 12.54
C TYR C 37 5.62 17.49 12.72
N CYS C 38 4.94 18.01 11.70
CA CYS C 38 3.51 18.21 11.83
C CYS C 38 2.87 18.11 10.48
N PRO C 39 1.52 17.92 10.44
CA PRO C 39 0.81 17.88 9.15
C PRO C 39 0.90 19.20 8.41
N ARG C 40 1.15 19.13 7.10
CA ARG C 40 1.37 20.38 6.39
C ARG C 40 0.14 21.28 6.33
N HIS C 41 -1.06 20.75 6.60
CA HIS C 41 -2.23 21.59 6.44
C HIS C 41 -2.42 22.55 7.60
N VAL C 42 -1.45 22.62 8.52
CA VAL C 42 -1.41 23.70 9.50
C VAL C 42 -1.29 25.06 8.80
N ILE C 43 -0.68 25.10 7.60
CA ILE C 43 -0.51 26.37 6.89
C ILE C 43 -1.74 26.83 6.09
N CYS C 44 -2.85 26.06 6.16
CA CYS C 44 -4.06 26.33 5.43
C CYS C 44 -4.97 27.21 6.29
N THR C 45 -5.66 28.13 5.64
CA THR C 45 -6.86 28.72 6.24
C THR C 45 -8.05 27.83 5.92
N SER C 46 -9.21 28.13 6.52
CA SER C 46 -10.42 27.37 6.21
C SER C 46 -10.73 27.37 4.72
N GLU C 47 -10.59 28.54 4.06
CA GLU C 47 -10.88 28.66 2.64
C GLU C 47 -9.82 28.00 1.75
N ASP C 48 -8.66 27.66 2.30
CA ASP C 48 -7.58 27.06 1.52
C ASP C 48 -7.76 25.56 1.35
N MET C 49 -8.70 24.93 2.08
CA MET C 49 -8.63 23.49 2.25
C MET C 49 -9.34 22.69 1.17
N LEU C 50 -10.11 23.33 0.31
CA LEU C 50 -10.72 22.55 -0.76
C LEU C 50 -9.72 22.17 -1.83
N ASN C 51 -8.90 23.12 -2.26
CA ASN C 51 -7.97 22.91 -3.37
C ASN C 51 -6.66 23.63 -3.05
N PRO C 52 -6.00 23.25 -1.96
CA PRO C 52 -4.72 23.92 -1.64
C PRO C 52 -3.62 23.54 -2.62
N ASN C 53 -2.77 24.53 -2.96
CA ASN C 53 -1.49 24.22 -3.55
C ASN C 53 -0.51 24.47 -2.43
N TYR C 54 0.02 23.38 -1.87
CA TYR C 54 0.81 23.56 -0.67
C TYR C 54 2.12 24.26 -0.94
N GLU C 55 2.71 24.06 -2.11
CA GLU C 55 3.97 24.74 -2.43
C GLU C 55 3.79 26.27 -2.37
N ASP C 56 2.71 26.76 -2.96
CA ASP C 56 2.37 28.19 -2.88
C ASP C 56 2.13 28.62 -1.44
N LEU C 57 1.38 27.80 -0.69
CA LEU C 57 1.04 28.25 0.62
C LEU C 57 2.26 28.35 1.48
N LEU C 58 3.19 27.41 1.32
CA LEU C 58 4.37 27.41 2.15
C LEU C 58 5.30 28.55 1.77
N ILE C 59 5.51 28.76 0.46
CA ILE C 59 6.33 29.88 0.02
C ILE C 59 5.87 31.21 0.62
N ARG C 60 4.59 31.32 0.95
CA ARG C 60 4.01 32.51 1.48
C ARG C 60 4.20 32.62 2.97
N LYS C 61 4.95 31.73 3.57
CA LYS C 61 5.18 31.74 5.00
C LYS C 61 6.67 31.89 5.29
N SER C 62 6.99 32.45 6.44
CA SER C 62 8.35 32.46 6.99
C SER C 62 8.33 31.80 8.37
N ASN C 63 9.54 31.55 8.89
CA ASN C 63 9.73 30.97 10.21
C ASN C 63 8.85 31.62 11.25
N HIS C 64 8.76 32.96 11.25
CA HIS C 64 8.02 33.64 12.32
C HIS C 64 6.50 33.40 12.25
N ASN C 65 5.98 32.88 11.12
CA ASN C 65 4.56 32.55 11.05
C ASN C 65 4.20 31.24 11.77
N PHE C 66 5.16 30.45 12.23
CA PHE C 66 4.91 29.20 12.95
C PHE C 66 5.12 29.47 14.44
N LEU C 67 4.07 29.34 15.22
CA LEU C 67 4.17 29.42 16.67
C LEU C 67 4.17 27.99 17.18
N VAL C 68 5.25 27.59 17.83
CA VAL C 68 5.44 26.23 18.36
C VAL C 68 5.59 26.31 19.86
N GLN C 69 4.66 25.69 20.58
CA GLN C 69 4.63 25.75 22.04
C GLN C 69 4.85 24.34 22.61
N ALA C 70 5.84 24.20 23.46
CA ALA C 70 6.12 22.98 24.20
C ALA C 70 5.79 23.27 25.66
N GLY C 71 4.65 22.75 26.11
CA GLY C 71 4.10 23.15 27.39
C GLY C 71 3.85 24.64 27.34
N ASN C 72 4.53 25.39 28.21
CA ASN C 72 4.38 26.84 28.25
C ASN C 72 5.57 27.58 27.66
N VAL C 73 6.57 26.86 27.14
CA VAL C 73 7.73 27.49 26.52
C VAL C 73 7.55 27.53 25.01
N GLN C 74 7.71 28.71 24.44
CA GLN C 74 7.69 28.84 22.99
C GLN C 74 9.06 28.47 22.43
N LEU C 75 9.06 27.62 21.41
CA LEU C 75 10.26 27.27 20.67
C LEU C 75 10.38 28.13 19.43
N ARG C 76 11.58 28.62 19.18
CA ARG C 76 11.80 29.51 18.06
C ARG C 76 12.10 28.65 16.84
N VAL C 77 11.34 28.85 15.78
CA VAL C 77 11.53 28.16 14.52
C VAL C 77 12.62 28.87 13.72
N ILE C 78 13.66 28.13 13.36
CA ILE C 78 14.81 28.68 12.62
C ILE C 78 14.90 28.12 11.22
N GLY C 79 13.95 27.28 10.81
CA GLY C 79 13.89 26.81 9.43
C GLY C 79 12.61 26.01 9.21
N HIS C 80 12.25 25.80 7.94
CA HIS C 80 11.04 25.05 7.64
C HIS C 80 11.21 24.44 6.29
N SER C 81 10.66 23.25 6.13
CA SER C 81 10.63 22.55 4.85
C SER C 81 9.44 21.61 4.85
N MET C 82 9.04 21.21 3.65
CA MET C 82 7.93 20.31 3.38
C MET C 82 8.48 19.02 2.83
N GLN C 83 8.06 17.89 3.42
CA GLN C 83 8.41 16.55 2.93
C GLN C 83 7.09 15.84 2.71
N ASN C 84 6.72 15.65 1.44
CA ASN C 84 5.41 15.07 1.13
C ASN C 84 4.34 15.85 1.94
N CYS C 85 3.57 15.18 2.84
CA CYS C 85 2.48 15.87 3.48
C CYS C 85 2.80 16.30 4.91
N VAL C 86 4.05 16.28 5.31
CA VAL C 86 4.45 16.83 6.60
C VAL C 86 5.37 18.04 6.46
N LEU C 87 5.32 18.92 7.45
CA LEU C 87 6.30 20.00 7.60
C LEU C 87 7.33 19.57 8.62
N LYS C 88 8.57 19.93 8.37
CA LYS C 88 9.70 19.84 9.29
C LYS C 88 10.07 21.27 9.67
N LEU C 89 9.79 21.61 10.91
CA LEU C 89 10.17 22.88 11.50
C LEU C 89 11.44 22.75 12.34
N LYS C 90 12.54 23.36 11.89
CA LYS C 90 13.74 23.29 12.70
C LYS C 90 13.60 24.34 13.78
N VAL C 91 13.90 23.94 15.01
CA VAL C 91 13.80 24.86 16.14
C VAL C 91 15.20 24.99 16.77
N ASP C 92 15.36 25.98 17.64
CA ASP C 92 16.69 26.28 18.16
C ASP C 92 17.02 25.51 19.41
N THR C 93 16.17 24.55 19.79
CA THR C 93 16.32 23.83 21.06
C THR C 93 16.03 22.36 20.77
N ALA C 94 16.96 21.47 21.14
CA ALA C 94 16.75 20.05 20.97
C ALA C 94 15.88 19.55 22.11
N ASN C 95 14.91 18.72 21.79
CA ASN C 95 14.07 18.15 22.85
C ASN C 95 14.89 17.29 23.81
N PRO C 96 15.01 17.69 25.08
CA PRO C 96 15.79 16.87 26.02
C PRO C 96 15.15 15.55 26.38
N LYS C 97 13.87 15.39 26.08
CA LYS C 97 13.14 14.15 26.30
C LYS C 97 13.01 13.29 25.05
N THR C 98 13.82 13.53 24.00
CA THR C 98 13.77 12.70 22.81
C THR C 98 14.11 11.27 23.16
N PRO C 99 13.25 10.30 22.88
CA PRO C 99 13.60 8.91 23.16
C PRO C 99 14.39 8.33 22.00
N LYS C 100 15.00 7.16 22.22
CA LYS C 100 15.45 6.38 21.04
C LYS C 100 14.26 6.12 20.13
N TYR C 101 14.42 6.39 18.81
CA TYR C 101 13.25 6.23 17.94
C TYR C 101 13.65 5.84 16.53
N LYS C 102 12.63 5.42 15.80
CA LYS C 102 12.70 5.07 14.39
C LYS C 102 11.41 5.52 13.75
N PHE C 103 11.47 5.92 12.48
CA PHE C 103 10.29 6.10 11.65
C PHE C 103 10.10 4.82 10.84
N VAL C 104 8.94 4.23 10.88
CA VAL C 104 8.65 3.01 10.14
C VAL C 104 7.36 3.17 9.38
N ARG C 105 7.20 2.41 8.31
CA ARG C 105 5.95 2.41 7.59
C ARG C 105 5.34 1.02 7.76
N ILE C 106 4.11 0.95 8.28
CA ILE C 106 3.43 -0.33 8.55
C ILE C 106 2.53 -0.70 7.38
N GLN C 107 1.99 -1.90 7.39
CA GLN C 107 1.10 -2.40 6.37
C GLN C 107 -0.23 -2.77 6.98
N PRO C 108 -1.25 -2.96 6.14
CA PRO C 108 -2.56 -3.35 6.63
C PRO C 108 -2.41 -4.59 7.45
N GLY C 109 -3.19 -4.63 8.54
CA GLY C 109 -3.20 -5.74 9.41
C GLY C 109 -2.40 -5.49 10.67
N GLN C 110 -1.43 -4.58 10.62
N GLN C 110 -1.43 -4.58 10.62
CA GLN C 110 -0.59 -4.27 11.77
CA GLN C 110 -0.58 -4.27 11.77
C GLN C 110 -1.28 -3.26 12.70
C GLN C 110 -1.26 -3.24 12.69
N THR C 111 -0.94 -3.33 13.97
CA THR C 111 -1.53 -2.50 15.00
C THR C 111 -0.49 -1.51 15.53
N PHE C 112 -1.03 -0.49 16.18
CA PHE C 112 -0.20 0.47 16.87
C PHE C 112 -1.01 1.20 17.92
N SER C 113 -0.29 1.89 18.83
CA SER C 113 -0.97 2.70 19.82
C SER C 113 -1.04 4.13 19.31
N VAL C 114 -2.13 4.81 19.67
CA VAL C 114 -2.35 6.19 19.28
C VAL C 114 -2.39 7.00 20.55
N LEU C 115 -1.61 8.06 20.61
CA LEU C 115 -1.73 9.04 21.70
C LEU C 115 -2.49 10.25 21.15
N ALA C 116 -3.78 10.30 21.42
CA ALA C 116 -4.62 11.32 20.85
C ALA C 116 -4.41 12.60 21.62
N CYS C 117 -4.13 13.69 20.92
CA CYS C 117 -3.73 14.96 21.51
C CYS C 117 -4.53 16.12 20.95
N TYR C 118 -4.66 17.20 21.77
CA TYR C 118 -5.28 18.44 21.36
C TYR C 118 -4.42 19.56 21.94
N ASN C 119 -4.09 20.56 21.13
CA ASN C 119 -3.30 21.71 21.58
C ASN C 119 -1.99 21.28 22.20
N GLY C 120 -1.40 20.23 21.63
CA GLY C 120 -0.13 19.71 22.12
C GLY C 120 -0.17 18.88 23.38
N SER C 121 -1.35 18.60 23.87
CA SER C 121 -1.47 17.95 25.17
C SER C 121 -2.21 16.64 25.01
N PRO C 122 -1.85 15.61 25.75
CA PRO C 122 -2.48 14.28 25.55
C PRO C 122 -3.86 14.20 26.16
N SER C 123 -4.75 13.54 25.43
CA SER C 123 -6.10 13.27 25.90
C SER C 123 -6.24 11.81 26.30
N GLY C 124 -5.58 10.89 25.62
CA GLY C 124 -5.65 9.50 25.99
C GLY C 124 -4.95 8.62 24.96
N VAL C 125 -4.90 7.31 25.28
CA VAL C 125 -4.19 6.36 24.44
C VAL C 125 -5.11 5.16 24.14
N TYR C 126 -5.01 4.67 22.92
CA TYR C 126 -5.81 3.51 22.55
C TYR C 126 -5.07 2.76 21.48
N GLN C 127 -5.51 1.53 21.22
CA GLN C 127 -4.94 0.66 20.21
C GLN C 127 -5.81 0.65 18.95
N CYS C 128 -5.14 0.70 17.79
CA CYS C 128 -5.71 0.78 16.44
C CYS C 128 -5.07 -0.27 15.57
N ALA C 129 -5.75 -0.64 14.50
CA ALA C 129 -5.17 -1.41 13.43
C ALA C 129 -5.21 -0.61 12.14
N MET C 130 -4.26 -0.83 11.25
CA MET C 130 -4.37 -0.34 9.87
C MET C 130 -5.26 -1.29 9.08
N ARG C 131 -6.40 -0.81 8.66
CA ARG C 131 -7.39 -1.66 7.98
C ARG C 131 -6.83 -2.04 6.62
N PRO C 132 -7.34 -3.13 6.05
CA PRO C 132 -6.99 -3.46 4.65
C PRO C 132 -7.14 -2.32 3.65
N ASN C 133 -8.10 -1.44 3.89
CA ASN C 133 -8.33 -0.33 2.97
C ASN C 133 -7.51 0.92 3.34
N PHE C 134 -6.50 0.77 4.16
CA PHE C 134 -5.53 1.77 4.60
C PHE C 134 -6.15 2.89 5.43
N THR C 135 -7.32 2.68 6.00
CA THR C 135 -7.85 3.60 6.99
C THR C 135 -7.63 3.05 8.39
N ILE C 136 -7.88 3.89 9.38
CA ILE C 136 -7.92 3.40 10.75
C ILE C 136 -9.24 3.85 11.37
N LYS C 137 -9.75 3.04 12.28
CA LYS C 137 -10.96 3.34 13.06
C LYS C 137 -10.54 3.93 14.38
N GLY C 138 -10.23 5.21 14.33
CA GLY C 138 -9.69 5.89 15.46
C GLY C 138 -10.77 6.61 16.24
N SER C 139 -10.33 7.49 17.12
CA SER C 139 -11.20 8.40 17.86
C SER C 139 -10.53 9.77 17.87
N PHE C 140 -10.96 10.64 16.95
CA PHE C 140 -10.22 11.85 16.60
C PHE C 140 -11.18 12.98 16.31
N LEU C 141 -11.01 14.17 16.92
CA LEU C 141 -11.83 15.36 16.69
C LEU C 141 -11.00 16.43 16.00
N ASN C 142 -11.63 17.53 15.68
CA ASN C 142 -10.91 18.68 15.17
C ASN C 142 -9.81 19.08 16.15
N GLY C 143 -8.65 19.38 15.59
CA GLY C 143 -7.46 19.63 16.39
C GLY C 143 -6.60 18.46 16.74
N SER C 144 -6.98 17.25 16.37
CA SER C 144 -6.20 16.07 16.66
C SER C 144 -5.12 15.73 15.63
N ALA C 145 -5.14 16.37 14.48
CA ALA C 145 -4.09 16.14 13.51
C ALA C 145 -2.71 16.35 14.13
N GLY C 146 -1.75 15.54 13.72
CA GLY C 146 -0.42 15.52 14.29
C GLY C 146 -0.24 14.61 15.48
N SER C 147 -1.34 14.10 16.07
CA SER C 147 -1.24 12.94 16.95
C SER C 147 -0.60 11.78 16.19
N VAL C 148 0.11 10.93 16.93
CA VAL C 148 0.92 9.91 16.31
C VAL C 148 0.57 8.54 16.82
N GLY C 149 0.77 7.58 15.92
CA GLY C 149 0.71 6.17 16.24
C GLY C 149 2.12 5.61 16.33
N PHE C 150 2.26 4.61 17.18
CA PHE C 150 3.59 4.07 17.50
C PHE C 150 3.50 2.65 18.09
N ASN C 151 4.67 2.00 18.04
CA ASN C 151 4.98 0.76 18.72
C ASN C 151 6.26 1.01 19.49
N ILE C 152 6.48 0.19 20.51
CA ILE C 152 7.71 0.20 21.28
C ILE C 152 8.33 -1.18 21.16
N ASP C 153 9.66 -1.17 21.06
CA ASP C 153 10.42 -2.40 21.13
C ASP C 153 11.65 -2.12 22.01
N TYR C 154 11.77 -2.83 23.13
CA TYR C 154 12.81 -2.50 24.08
C TYR C 154 12.66 -1.05 24.54
N ASP C 155 13.62 -0.17 24.20
CA ASP C 155 13.53 1.24 24.55
C ASP C 155 13.32 2.13 23.33
N CYS C 156 13.07 1.53 22.16
CA CYS C 156 12.97 2.27 20.91
C CYS C 156 11.50 2.43 20.53
N VAL C 157 11.05 3.69 20.46
CA VAL C 157 9.75 4.06 19.91
C VAL C 157 9.80 4.09 18.39
N SER C 158 8.97 3.26 17.76
CA SER C 158 8.82 3.21 16.30
C SER C 158 7.55 3.93 15.97
N PHE C 159 7.71 5.17 15.47
CA PHE C 159 6.58 5.96 15.03
C PHE C 159 6.14 5.49 13.67
N CYS C 160 4.87 5.20 13.51
CA CYS C 160 4.37 4.72 12.23
C CYS C 160 3.21 5.49 11.61
N TYR C 161 2.55 6.40 12.33
CA TYR C 161 1.36 7.07 11.84
C TYR C 161 1.35 8.50 12.37
N MET C 162 0.99 9.43 11.51
CA MET C 162 0.65 10.76 11.94
C MET C 162 -0.73 11.05 11.40
N HIS C 163 -1.62 11.52 12.26
CA HIS C 163 -3.01 11.69 11.89
C HIS C 163 -3.26 12.96 11.07
N HIS C 164 -4.07 12.86 10.02
CA HIS C 164 -4.36 14.04 9.20
C HIS C 164 -5.82 14.40 9.10
N MET C 165 -6.69 13.41 8.89
CA MET C 165 -8.04 13.76 8.48
C MET C 165 -9.04 12.65 8.72
N GLU C 166 -10.31 13.02 8.67
CA GLU C 166 -11.41 12.11 8.84
C GLU C 166 -12.25 12.01 7.56
N LEU C 167 -12.57 10.75 7.17
CA LEU C 167 -13.29 10.49 5.92
C LEU C 167 -14.77 10.45 6.25
N PRO C 168 -15.64 10.51 5.25
CA PRO C 168 -17.09 10.68 5.53
C PRO C 168 -17.75 9.57 6.34
N THR C 169 -17.24 8.36 6.30
CA THR C 169 -17.79 7.32 7.14
C THR C 169 -17.27 7.34 8.56
N GLY C 170 -16.49 8.34 8.93
CA GLY C 170 -16.07 8.45 10.31
C GLY C 170 -14.78 7.73 10.61
N VAL C 171 -14.12 7.18 9.62
CA VAL C 171 -12.80 6.59 9.81
C VAL C 171 -11.74 7.59 9.39
N HIS C 172 -10.48 7.22 9.61
CA HIS C 172 -9.38 8.17 9.65
C HIS C 172 -8.26 7.82 8.69
N ALA C 173 -7.57 8.87 8.27
CA ALA C 173 -6.52 8.72 7.30
C ALA C 173 -5.35 9.60 7.70
N GLY C 174 -4.15 9.12 7.37
CA GLY C 174 -2.91 9.77 7.77
C GLY C 174 -1.73 9.23 7.01
N THR C 175 -0.55 9.59 7.52
CA THR C 175 0.69 9.41 6.82
C THR C 175 1.65 8.64 7.72
N ASP C 176 2.74 8.18 7.11
CA ASP C 176 3.88 7.83 7.92
C ASP C 176 4.60 9.17 8.28
N LEU C 177 5.75 9.10 8.95
CA LEU C 177 6.43 10.27 9.47
C LEU C 177 7.29 10.88 8.41
N GLU C 178 7.39 10.26 7.24
CA GLU C 178 7.94 10.94 6.06
C GLU C 178 6.87 11.62 5.23
N GLY C 179 5.63 11.59 5.70
CA GLY C 179 4.53 12.30 5.10
C GLY C 179 3.89 11.65 3.94
N ASN C 180 4.15 10.39 3.69
CA ASN C 180 3.46 9.62 2.69
C ASN C 180 2.16 9.06 3.23
N PHE C 181 1.06 9.29 2.53
CA PHE C 181 -0.24 8.80 3.01
C PHE C 181 -0.25 7.28 2.96
N TYR C 182 -0.93 6.70 3.93
CA TYR C 182 -1.39 5.32 3.86
C TYR C 182 -2.66 5.33 2.99
N GLY C 183 -2.64 4.63 1.90
CA GLY C 183 -3.80 4.57 1.07
C GLY C 183 -3.86 5.69 0.04
N PRO C 184 -4.86 5.63 -0.85
CA PRO C 184 -5.04 6.60 -1.94
C PRO C 184 -5.85 7.80 -1.50
N PHE C 185 -5.36 8.44 -0.46
CA PHE C 185 -6.00 9.63 0.08
C PHE C 185 -5.08 10.84 -0.06
N VAL C 186 -5.71 12.06 -0.13
CA VAL C 186 -5.00 13.32 -0.22
C VAL C 186 -5.49 14.26 0.85
N ASP C 187 -4.58 15.08 1.32
CA ASP C 187 -4.93 16.04 2.36
C ASP C 187 -5.59 17.28 1.82
N ARG C 188 -6.83 17.11 1.36
CA ARG C 188 -7.68 18.19 0.90
C ARG C 188 -9.13 17.79 1.14
N GLN C 189 -9.99 18.78 1.29
CA GLN C 189 -11.42 18.53 1.61
C GLN C 189 -12.25 18.32 0.36
N THR C 190 -11.79 17.35 -0.40
CA THR C 190 -12.50 16.88 -1.58
C THR C 190 -13.32 15.65 -1.19
N ALA C 191 -14.25 15.32 -2.08
CA ALA C 191 -14.99 14.08 -1.97
C ALA C 191 -14.01 12.93 -2.08
N GLN C 192 -13.84 12.23 -0.98
CA GLN C 192 -13.04 11.02 -0.96
C GLN C 192 -13.79 9.99 -0.16
N ALA C 193 -13.54 8.73 -0.48
CA ALA C 193 -14.19 7.64 0.22
C ALA C 193 -13.22 6.48 0.44
N ALA C 194 -13.29 5.90 1.64
CA ALA C 194 -12.56 4.67 1.93
C ALA C 194 -13.05 3.57 0.99
N GLY C 195 -12.13 2.79 0.46
CA GLY C 195 -12.51 1.59 -0.26
C GLY C 195 -13.28 0.57 0.62
N THR C 196 -13.87 -0.43 -0.03
CA THR C 196 -14.50 -1.53 0.67
C THR C 196 -13.45 -2.17 1.57
N ASP C 197 -13.82 -2.45 2.79
CA ASP C 197 -12.89 -3.02 3.73
C ASP C 197 -13.10 -4.52 3.82
N THR C 198 -12.14 -5.19 4.44
CA THR C 198 -12.23 -6.63 4.61
C THR C 198 -11.75 -6.96 6.01
N THR C 199 -12.05 -8.18 6.45
CA THR C 199 -11.61 -8.64 7.77
C THR C 199 -10.21 -9.31 7.71
N ILE C 200 -9.37 -8.98 8.69
CA ILE C 200 -7.96 -9.40 8.75
C ILE C 200 -7.94 -10.81 9.34
N THR C 201 -7.90 -11.81 8.44
CA THR C 201 -8.06 -13.20 8.82
C THR C 201 -7.00 -13.64 9.81
N VAL C 202 -5.72 -13.35 9.51
CA VAL C 202 -4.67 -13.88 10.39
C VAL C 202 -4.88 -13.34 11.81
N ASN C 203 -5.40 -12.12 11.93
CA ASN C 203 -5.65 -11.55 13.25
C ASN C 203 -6.81 -12.22 13.97
N VAL C 204 -7.85 -12.59 13.23
CA VAL C 204 -8.96 -13.31 13.85
C VAL C 204 -8.45 -14.64 14.42
N LEU C 205 -7.60 -15.31 13.66
CA LEU C 205 -7.00 -16.55 14.10
C LEU C 205 -6.14 -16.33 15.31
N ALA C 206 -5.36 -15.25 15.32
CA ALA C 206 -4.55 -14.95 16.48
C ALA C 206 -5.42 -14.83 17.72
N TRP C 207 -6.53 -14.09 17.61
CA TRP C 207 -7.45 -13.85 18.72
C TRP C 207 -8.14 -15.13 19.19
N LEU C 208 -8.49 -16.00 18.24
CA LEU C 208 -9.02 -17.30 18.64
C LEU C 208 -7.99 -18.08 19.45
N TYR C 209 -6.69 -18.05 19.05
CA TYR C 209 -5.63 -18.61 19.91
C TYR C 209 -5.61 -17.94 21.28
N ALA C 210 -5.73 -16.62 21.33
CA ALA C 210 -5.72 -15.95 22.63
C ALA C 210 -6.88 -16.43 23.50
N ALA C 211 -8.04 -16.63 22.89
CA ALA C 211 -9.20 -17.17 23.53
C ALA C 211 -8.91 -18.54 24.12
N VAL C 212 -8.26 -19.41 23.36
CA VAL C 212 -7.90 -20.73 23.88
C VAL C 212 -6.89 -20.64 25.02
N ILE C 213 -5.89 -19.77 24.87
CA ILE C 213 -4.90 -19.62 25.93
C ILE C 213 -5.56 -19.15 27.21
N ASN C 214 -6.62 -18.40 27.08
CA ASN C 214 -7.37 -17.91 28.22
C ASN C 214 -8.54 -18.78 28.62
N GLY C 215 -8.60 -20.03 28.14
CA GLY C 215 -9.60 -21.00 28.63
C GLY C 215 -10.92 -21.05 27.87
N ASP C 216 -11.07 -20.24 26.83
CA ASP C 216 -12.27 -20.28 25.98
C ASP C 216 -12.04 -21.35 24.89
N ARG C 217 -12.79 -22.50 24.96
CA ARG C 217 -12.51 -23.62 24.08
C ARG C 217 -13.75 -24.13 23.34
N TRP C 218 -14.92 -23.51 23.55
CA TRP C 218 -16.17 -24.07 23.10
C TRP C 218 -16.24 -24.19 21.59
N PHE C 219 -15.51 -23.36 20.83
CA PHE C 219 -15.56 -23.27 19.38
C PHE C 219 -14.56 -24.24 18.74
N LEU C 220 -13.76 -24.95 19.51
CA LEU C 220 -12.82 -25.89 18.93
C LEU C 220 -13.57 -27.14 18.43
N ASN C 221 -12.96 -27.85 17.49
CA ASN C 221 -13.54 -29.08 16.95
C ASN C 221 -12.40 -29.96 16.46
N ARG C 222 -12.82 -31.19 16.17
CA ARG C 222 -11.89 -32.23 15.73
C ARG C 222 -11.44 -32.06 14.29
N PHE C 223 -12.09 -31.19 13.52
CA PHE C 223 -11.85 -31.08 12.08
C PHE C 223 -10.58 -30.28 11.78
N THR C 224 -9.99 -30.59 10.64
CA THR C 224 -8.94 -29.81 10.03
C THR C 224 -9.44 -29.50 8.64
N THR C 225 -8.88 -28.49 8.03
CA THR C 225 -9.26 -28.10 6.69
C THR C 225 -7.98 -27.92 5.88
N THR C 226 -8.13 -27.69 4.58
CA THR C 226 -6.97 -27.33 3.78
C THR C 226 -6.97 -25.84 3.61
N LEU C 227 -5.78 -25.31 3.31
CA LEU C 227 -5.66 -23.88 3.13
C LEU C 227 -6.52 -23.46 1.96
N ASN C 228 -6.53 -24.27 0.89
CA ASN C 228 -7.35 -23.89 -0.27
C ASN C 228 -8.82 -23.85 0.06
N ASP C 229 -9.31 -24.87 0.77
CA ASP C 229 -10.72 -24.91 1.13
C ASP C 229 -11.06 -23.81 2.14
N PHE C 230 -10.17 -23.50 3.05
CA PHE C 230 -10.47 -22.42 3.98
C PHE C 230 -10.60 -21.10 3.23
N ASN C 231 -9.74 -20.87 2.25
CA ASN C 231 -9.79 -19.60 1.53
C ASN C 231 -11.03 -19.43 0.62
N LEU C 232 -11.61 -20.54 0.19
CA LEU C 232 -12.89 -20.46 -0.49
C LEU C 232 -13.98 -19.92 0.42
N VAL C 233 -13.96 -20.34 1.70
CA VAL C 233 -14.92 -19.81 2.69
C VAL C 233 -14.58 -18.36 3.02
N ALA C 234 -13.30 -18.08 3.24
CA ALA C 234 -12.87 -16.71 3.51
C ALA C 234 -13.39 -15.70 2.48
N MET C 235 -13.23 -16.02 1.21
CA MET C 235 -13.59 -15.07 0.20
C MET C 235 -15.12 -14.84 0.18
N LYS C 236 -15.92 -15.84 0.57
CA LYS C 236 -17.35 -15.65 0.66
C LYS C 236 -17.72 -14.70 1.77
N TYR C 237 -16.92 -14.60 2.83
CA TYR C 237 -17.28 -13.81 4.00
C TYR C 237 -16.53 -12.49 4.08
N ASN C 238 -15.93 -12.07 2.98
CA ASN C 238 -15.18 -10.81 2.97
C ASN C 238 -14.01 -10.81 3.95
N TYR C 239 -13.37 -11.97 4.09
CA TYR C 239 -12.11 -12.11 4.81
C TYR C 239 -10.92 -12.11 3.85
N GLU C 240 -9.80 -11.58 4.31
CA GLU C 240 -8.56 -11.64 3.54
C GLU C 240 -8.08 -13.09 3.36
N PRO C 241 -7.50 -13.40 2.21
CA PRO C 241 -6.94 -14.74 2.03
C PRO C 241 -5.82 -15.01 3.04
N LEU C 242 -5.75 -16.23 3.48
CA LEU C 242 -4.70 -16.71 4.35
C LEU C 242 -3.58 -17.29 3.52
N THR C 243 -2.36 -16.81 3.76
CA THR C 243 -1.20 -17.32 3.05
C THR C 243 -0.36 -18.18 3.99
N GLN C 244 0.59 -18.88 3.38
CA GLN C 244 1.53 -19.69 4.16
C GLN C 244 2.39 -18.82 5.10
N ASP C 245 2.67 -17.59 4.70
CA ASP C 245 3.36 -16.67 5.62
C ASP C 245 2.52 -16.35 6.86
N HIS C 246 1.20 -16.27 6.71
CA HIS C 246 0.32 -16.14 7.88
C HIS C 246 0.36 -17.38 8.74
N VAL C 247 0.28 -18.57 8.13
CA VAL C 247 0.40 -19.80 8.91
C VAL C 247 1.66 -19.82 9.75
N ASP C 248 2.79 -19.46 9.12
CA ASP C 248 4.04 -19.43 9.84
C ASP C 248 4.02 -18.43 10.97
N ILE C 249 3.41 -17.27 10.75
CA ILE C 249 3.41 -16.22 11.76
C ILE C 249 2.59 -16.63 12.98
N LEU C 250 1.61 -17.50 12.80
CA LEU C 250 0.83 -18.05 13.86
C LEU C 250 1.56 -19.15 14.60
N GLY C 251 2.79 -19.48 14.18
CA GLY C 251 3.60 -20.54 14.74
C GLY C 251 3.72 -20.57 16.24
N PRO C 252 4.06 -19.44 16.87
CA PRO C 252 4.16 -19.40 18.32
C PRO C 252 2.87 -19.80 19.02
N LEU C 253 1.71 -19.46 18.44
CA LEU C 253 0.43 -19.63 19.09
C LEU C 253 -0.07 -21.06 18.90
N SER C 254 0.17 -21.59 17.71
CA SER C 254 -0.10 -22.98 17.46
C SER C 254 0.80 -23.87 18.30
N ALA C 255 2.07 -23.48 18.48
CA ALA C 255 2.98 -24.25 19.35
C ALA C 255 2.51 -24.23 20.79
N GLN C 256 2.14 -23.06 21.27
CA GLN C 256 1.74 -22.94 22.66
C GLN C 256 0.48 -23.76 22.97
N THR C 257 -0.50 -23.76 22.06
CA THR C 257 -1.79 -24.38 22.33
C THR C 257 -1.85 -25.83 21.88
N GLY C 258 -0.96 -26.28 21.04
CA GLY C 258 -1.08 -27.57 20.39
C GLY C 258 -2.06 -27.65 19.23
N ILE C 259 -2.70 -26.56 18.86
CA ILE C 259 -3.74 -26.55 17.85
C ILE C 259 -3.11 -26.02 16.56
N ALA C 260 -3.01 -26.87 15.54
CA ALA C 260 -2.46 -26.44 14.28
C ALA C 260 -3.36 -25.36 13.67
N VAL C 261 -2.72 -24.53 12.85
CA VAL C 261 -3.43 -23.41 12.24
C VAL C 261 -4.60 -23.92 11.38
N LEU C 262 -4.40 -24.96 10.59
CA LEU C 262 -5.53 -25.45 9.78
C LEU C 262 -6.62 -26.12 10.64
N ASP C 263 -6.30 -26.57 11.87
CA ASP C 263 -7.32 -27.05 12.81
C ASP C 263 -8.15 -25.88 13.31
N MET C 264 -7.47 -24.78 13.68
CA MET C 264 -8.17 -23.54 13.95
C MET C 264 -9.00 -22.98 12.81
N CYS C 265 -8.47 -23.05 11.60
CA CYS C 265 -9.23 -22.60 10.47
C CYS C 265 -10.56 -23.33 10.36
N ALA C 266 -10.59 -24.63 10.68
CA ALA C 266 -11.88 -25.33 10.71
C ALA C 266 -12.84 -24.73 11.72
N SER C 267 -12.34 -24.29 12.87
CA SER C 267 -13.20 -23.59 13.82
C SER C 267 -13.72 -22.27 13.26
N LEU C 268 -12.83 -21.50 12.66
CA LEU C 268 -13.26 -20.22 12.10
C LEU C 268 -14.29 -20.42 10.97
N LYS C 269 -14.10 -21.44 10.13
CA LYS C 269 -15.10 -21.76 9.13
C LYS C 269 -16.47 -22.01 9.77
N GLU C 270 -16.50 -22.81 10.85
CA GLU C 270 -17.76 -23.12 11.48
C GLU C 270 -18.36 -21.90 12.13
N LEU C 271 -17.56 -21.02 12.74
CA LEU C 271 -18.10 -19.80 13.33
C LEU C 271 -18.66 -18.88 12.26
N LEU C 272 -18.02 -18.84 11.10
CA LEU C 272 -18.54 -17.98 10.04
C LEU C 272 -19.86 -18.49 9.50
N GLN C 273 -19.96 -19.81 9.34
CA GLN C 273 -21.16 -20.37 8.73
C GLN C 273 -22.30 -20.47 9.71
N ASN C 274 -22.03 -20.58 11.00
CA ASN C 274 -23.06 -20.90 11.96
C ASN C 274 -23.29 -19.82 13.01
N GLY C 275 -22.35 -18.86 13.16
CA GLY C 275 -22.43 -17.90 14.21
C GLY C 275 -22.06 -18.55 15.51
N MET C 276 -22.33 -17.84 16.60
CA MET C 276 -21.91 -18.24 17.93
C MET C 276 -23.00 -18.86 18.76
N ASN C 277 -24.26 -18.84 18.29
CA ASN C 277 -25.37 -19.43 19.05
C ASN C 277 -25.44 -18.88 20.46
N GLY C 278 -25.37 -17.55 20.57
CA GLY C 278 -25.53 -16.86 21.84
C GLY C 278 -24.35 -16.93 22.78
N ARG C 279 -23.21 -17.47 22.34
CA ARG C 279 -22.03 -17.58 23.18
C ARG C 279 -21.09 -16.43 22.84
N THR C 280 -20.06 -16.29 23.64
CA THR C 280 -19.11 -15.21 23.44
C THR C 280 -17.69 -15.76 23.46
N ILE C 281 -16.78 -15.02 22.88
CA ILE C 281 -15.36 -15.35 22.88
C ILE C 281 -14.62 -14.14 23.43
N LEU C 282 -13.90 -14.33 24.54
CA LEU C 282 -13.13 -13.25 25.15
C LEU C 282 -14.01 -12.01 25.31
N GLY C 283 -15.23 -12.26 25.71
CA GLY C 283 -16.17 -11.19 25.99
C GLY C 283 -16.80 -10.51 24.80
N SER C 284 -16.69 -11.08 23.64
CA SER C 284 -17.14 -10.46 22.43
C SER C 284 -18.07 -11.42 21.68
N ALA C 285 -19.14 -10.86 21.10
CA ALA C 285 -20.05 -11.61 20.26
C ALA C 285 -19.73 -11.43 18.81
N LEU C 286 -18.63 -10.78 18.47
CA LEU C 286 -18.15 -10.65 17.11
C LEU C 286 -16.73 -11.21 17.03
N LEU C 287 -16.29 -11.53 15.82
CA LEU C 287 -14.93 -12.04 15.63
C LEU C 287 -13.97 -10.85 15.52
N GLU C 288 -13.05 -10.74 16.47
N GLU C 288 -13.08 -10.70 16.50
CA GLU C 288 -12.17 -9.58 16.60
CA GLU C 288 -12.20 -9.54 16.58
C GLU C 288 -10.94 -9.70 15.72
C GLU C 288 -10.97 -9.70 15.69
N ASP C 289 -10.60 -8.62 14.98
CA ASP C 289 -9.51 -8.69 14.00
C ASP C 289 -8.47 -7.61 14.20
N GLU C 290 -8.41 -6.95 15.35
CA GLU C 290 -7.38 -5.94 15.57
C GLU C 290 -6.33 -6.36 16.62
N PHE C 291 -6.08 -7.67 16.76
CA PHE C 291 -4.91 -8.15 17.47
C PHE C 291 -4.10 -8.93 16.49
N THR C 292 -2.83 -8.52 16.33
CA THR C 292 -1.89 -9.36 15.55
C THR C 292 -1.41 -10.60 16.34
N PRO C 293 -0.78 -11.53 15.67
CA PRO C 293 -0.16 -12.64 16.43
C PRO C 293 0.87 -12.15 17.44
N PHE C 294 1.69 -11.18 17.08
CA PHE C 294 2.64 -10.67 18.06
C PHE C 294 1.94 -10.01 19.23
N ASP C 295 0.87 -9.30 18.96
CA ASP C 295 0.09 -8.68 20.02
C ASP C 295 -0.35 -9.71 21.05
N VAL C 296 -0.76 -10.88 20.56
CA VAL C 296 -1.17 -11.94 21.50
C VAL C 296 0.03 -12.46 22.29
N VAL C 297 1.15 -12.66 21.63
CA VAL C 297 2.34 -13.11 22.32
C VAL C 297 2.73 -12.09 23.39
N ARG C 298 2.81 -10.82 23.00
CA ARG C 298 3.26 -9.76 23.91
C ARG C 298 2.43 -9.78 25.20
N GLN C 299 1.13 -9.81 25.03
CA GLN C 299 0.21 -9.71 26.16
C GLN C 299 0.20 -10.98 27.00
N CYS C 300 0.20 -12.11 26.34
CA CYS C 300 0.14 -13.40 27.01
C CYS C 300 1.50 -13.83 27.51
N SER C 301 2.57 -13.11 27.11
CA SER C 301 3.95 -13.35 27.55
C SER C 301 4.40 -12.39 28.63
N GLY C 302 3.78 -11.21 28.74
CA GLY C 302 4.28 -10.19 29.66
C GLY C 302 5.52 -9.44 29.17
N VAL C 303 5.64 -9.20 27.86
CA VAL C 303 6.76 -8.41 27.35
C VAL C 303 6.69 -6.99 27.87
N THR C 304 7.83 -6.45 28.33
CA THR C 304 7.89 -5.07 28.85
C THR C 304 8.90 -4.18 28.10
N PHE C 305 8.89 -2.89 28.46
CA PHE C 305 9.67 -1.87 27.73
C PHE C 305 10.41 -0.95 28.69
N SER D 1 8.32 -16.64 -18.55
CA SER D 1 7.15 -16.81 -19.42
C SER D 1 6.53 -15.46 -19.67
N GLY D 2 5.59 -15.46 -20.60
CA GLY D 2 4.93 -14.27 -21.07
C GLY D 2 5.62 -13.82 -22.33
N PHE D 3 4.91 -13.02 -23.13
CA PHE D 3 5.45 -12.50 -24.38
C PHE D 3 4.72 -11.21 -24.69
N ARG D 4 5.47 -10.13 -24.75
CA ARG D 4 4.88 -8.81 -24.86
C ARG D 4 5.55 -8.07 -26.01
N LYS D 5 4.85 -7.10 -26.61
CA LYS D 5 5.55 -6.14 -27.45
C LYS D 5 6.51 -5.32 -26.65
N MET D 6 7.80 -5.58 -26.82
CA MET D 6 8.80 -5.03 -25.94
C MET D 6 9.67 -4.10 -26.78
N ALA D 7 9.76 -2.86 -26.34
CA ALA D 7 10.65 -1.90 -26.94
C ALA D 7 12.03 -1.92 -26.29
N PHE D 8 13.01 -1.41 -27.01
CA PHE D 8 14.31 -1.27 -26.46
C PHE D 8 14.28 -0.19 -25.41
N PRO D 9 15.16 -0.28 -24.40
CA PRO D 9 15.34 0.84 -23.46
C PRO D 9 15.71 2.07 -24.27
N SER D 10 15.18 3.22 -23.87
CA SER D 10 15.28 4.42 -24.70
C SER D 10 16.32 5.47 -24.22
N GLY D 11 16.97 5.20 -23.09
CA GLY D 11 17.75 6.24 -22.45
C GLY D 11 18.84 6.79 -23.36
N LYS D 12 19.54 5.91 -24.08
CA LYS D 12 20.59 6.40 -24.98
C LYS D 12 20.04 7.34 -26.05
N VAL D 13 18.79 7.15 -26.48
CA VAL D 13 18.20 8.00 -27.53
C VAL D 13 17.64 9.29 -26.94
N GLU D 14 17.14 9.23 -25.71
CA GLU D 14 16.54 10.37 -25.07
C GLU D 14 17.54 11.49 -25.02
N GLY D 15 18.78 11.17 -24.72
CA GLY D 15 19.79 12.19 -24.64
C GLY D 15 20.25 12.75 -25.97
N CYS D 16 19.67 12.29 -27.08
CA CYS D 16 19.96 12.87 -28.36
C CYS D 16 18.86 13.74 -28.92
N MET D 17 17.74 13.86 -28.24
CA MET D 17 16.60 14.58 -28.76
C MET D 17 16.70 16.05 -28.46
N VAL D 18 16.46 16.84 -29.48
CA VAL D 18 16.43 18.29 -29.39
C VAL D 18 15.21 18.77 -30.18
N GLN D 19 14.94 20.05 -30.02
CA GLN D 19 13.87 20.71 -30.73
C GLN D 19 14.48 21.62 -31.78
N VAL D 20 13.85 21.68 -32.95
CA VAL D 20 14.26 22.52 -34.08
C VAL D 20 13.07 23.36 -34.51
N THR D 21 13.25 24.67 -34.48
CA THR D 21 12.22 25.59 -34.89
C THR D 21 12.75 26.43 -36.04
N CYS D 22 11.93 26.63 -37.04
CA CYS D 22 12.27 27.46 -38.19
C CYS D 22 10.96 28.20 -38.50
N GLY D 23 10.93 29.48 -38.12
CA GLY D 23 9.70 30.23 -38.26
C GLY D 23 8.70 29.85 -37.19
N THR D 24 7.49 29.51 -37.64
CA THR D 24 6.45 28.98 -36.76
C THR D 24 6.33 27.45 -36.86
N THR D 25 7.28 26.80 -37.50
CA THR D 25 7.27 25.35 -37.70
C THR D 25 8.29 24.74 -36.75
N THR D 26 7.83 23.83 -35.90
CA THR D 26 8.70 23.16 -34.94
C THR D 26 8.55 21.64 -35.10
N LEU D 27 9.65 20.94 -34.91
CA LEU D 27 9.62 19.49 -34.85
C LEU D 27 10.87 19.04 -34.09
N ASN D 28 11.21 17.76 -34.21
CA ASN D 28 12.30 17.22 -33.40
C ASN D 28 13.55 17.01 -34.24
N GLY D 29 14.71 17.06 -33.57
CA GLY D 29 15.95 16.71 -34.21
C GLY D 29 16.74 15.74 -33.36
N LEU D 30 17.70 15.09 -34.02
CA LEU D 30 18.58 14.09 -33.44
C LEU D 30 19.99 14.68 -33.45
N TRP D 31 20.54 14.87 -32.28
CA TRP D 31 21.82 15.53 -32.06
C TRP D 31 22.87 14.48 -31.77
N LEU D 32 23.72 14.23 -32.74
CA LEU D 32 24.83 13.30 -32.65
C LEU D 32 26.12 14.03 -32.99
N ASP D 33 27.12 13.92 -32.12
CA ASP D 33 28.34 14.72 -32.23
C ASP D 33 27.92 16.17 -32.42
N ASP D 34 28.44 16.88 -33.40
CA ASP D 34 28.09 18.29 -33.60
C ASP D 34 27.12 18.51 -34.76
N VAL D 35 26.22 17.57 -34.98
CA VAL D 35 25.26 17.67 -36.07
C VAL D 35 23.89 17.33 -35.54
N VAL D 36 22.90 18.12 -35.93
CA VAL D 36 21.50 17.86 -35.66
C VAL D 36 20.84 17.46 -36.97
N TYR D 37 20.23 16.25 -36.99
CA TYR D 37 19.56 15.72 -38.19
C TYR D 37 18.07 15.93 -37.98
N CYS D 38 17.35 16.44 -38.98
CA CYS D 38 15.91 16.63 -38.81
C CYS D 38 15.23 16.66 -40.16
N PRO D 39 13.90 16.44 -40.20
CA PRO D 39 13.22 16.44 -41.50
C PRO D 39 13.33 17.81 -42.13
N ARG D 40 13.53 17.83 -43.42
CA ARG D 40 13.74 19.12 -44.10
C ARG D 40 12.49 20.01 -44.15
N HIS D 41 11.27 19.43 -43.94
CA HIS D 41 10.08 20.25 -44.07
C HIS D 41 9.92 21.17 -42.86
N VAL D 42 10.87 21.18 -41.92
CA VAL D 42 10.89 22.23 -40.91
C VAL D 42 11.01 23.62 -41.56
N ILE D 43 11.58 23.70 -42.76
CA ILE D 43 11.77 25.01 -43.37
C ILE D 43 10.52 25.52 -44.08
N CYS D 44 9.46 24.73 -44.09
CA CYS D 44 8.27 25.04 -44.84
C CYS D 44 7.35 25.88 -43.97
N THR D 45 6.69 26.84 -44.60
CA THR D 45 5.47 27.40 -44.05
C THR D 45 4.33 26.46 -44.42
N SER D 46 3.12 26.77 -43.88
CA SER D 46 1.94 25.95 -44.23
C SER D 46 1.59 26.07 -45.70
N GLU D 47 1.70 27.27 -46.28
CA GLU D 47 1.44 27.43 -47.71
C GLU D 47 2.53 26.78 -48.55
N ASP D 48 3.68 26.45 -47.97
CA ASP D 48 4.75 25.86 -48.75
C ASP D 48 4.57 24.35 -48.98
N MET D 49 3.67 23.69 -48.26
CA MET D 49 3.74 22.24 -48.12
C MET D 49 3.00 21.48 -49.21
N LEU D 50 2.31 22.18 -50.11
CA LEU D 50 1.65 21.51 -51.23
C LEU D 50 2.64 21.03 -52.27
N ASN D 51 3.43 21.95 -52.84
CA ASN D 51 4.42 21.59 -53.86
C ASN D 51 5.69 22.36 -53.56
N PRO D 52 6.39 22.04 -52.47
CA PRO D 52 7.64 22.74 -52.16
C PRO D 52 8.74 22.38 -53.13
N ASN D 53 9.57 23.39 -53.44
CA ASN D 53 10.88 23.09 -54.02
C ASN D 53 11.87 23.30 -52.89
N TYR D 54 12.36 22.20 -52.32
CA TYR D 54 13.17 22.34 -51.14
C TYR D 54 14.52 22.97 -51.44
N GLU D 55 15.09 22.73 -52.61
CA GLU D 55 16.33 23.43 -52.95
C GLU D 55 16.16 24.95 -52.83
N ASP D 56 15.14 25.50 -53.54
CA ASP D 56 14.84 26.92 -53.43
C ASP D 56 14.58 27.34 -52.02
N LEU D 57 13.79 26.55 -51.31
CA LEU D 57 13.44 27.00 -49.98
C LEU D 57 14.65 27.05 -49.08
N LEU D 58 15.55 26.07 -49.24
CA LEU D 58 16.72 26.05 -48.37
C LEU D 58 17.70 27.20 -48.72
N ILE D 59 17.85 27.47 -50.00
CA ILE D 59 18.69 28.60 -50.45
C ILE D 59 18.28 29.91 -49.76
N ARG D 60 17.00 30.08 -49.49
CA ARG D 60 16.44 31.27 -48.89
C ARG D 60 16.65 31.33 -47.40
N LYS D 61 17.24 30.30 -46.80
CA LYS D 61 17.44 30.26 -45.36
C LYS D 61 18.92 30.50 -45.06
N SER D 62 19.17 30.90 -43.82
CA SER D 62 20.49 31.06 -43.24
C SER D 62 20.54 30.31 -41.91
N ASN D 63 21.73 30.19 -41.36
CA ASN D 63 21.93 29.53 -40.07
C ASN D 63 21.05 30.16 -39.02
N HIS D 64 20.95 31.50 -39.03
CA HIS D 64 20.23 32.16 -37.93
C HIS D 64 18.73 31.86 -37.97
N ASN D 65 18.22 31.31 -39.06
CA ASN D 65 16.82 30.92 -39.13
C ASN D 65 16.50 29.62 -38.34
N PHE D 66 17.48 28.89 -37.85
CA PHE D 66 17.23 27.60 -37.19
C PHE D 66 17.48 27.81 -35.70
N LEU D 67 16.42 27.70 -34.92
CA LEU D 67 16.51 27.76 -33.46
C LEU D 67 16.48 26.31 -32.94
N VAL D 68 17.59 25.89 -32.36
CA VAL D 68 17.79 24.52 -31.91
C VAL D 68 17.99 24.57 -30.42
N GLN D 69 17.10 23.94 -29.68
CA GLN D 69 17.11 23.95 -28.22
C GLN D 69 17.29 22.53 -27.69
N ALA D 70 18.31 22.32 -26.88
CA ALA D 70 18.58 21.04 -26.22
C ALA D 70 18.11 21.22 -24.78
N GLY D 71 16.83 20.93 -24.54
CA GLY D 71 16.23 21.28 -23.28
C GLY D 71 16.09 22.78 -23.20
N ASN D 72 16.85 23.38 -22.29
CA ASN D 72 16.82 24.83 -22.10
C ASN D 72 17.98 25.53 -22.81
N VAL D 73 19.11 24.85 -23.06
CA VAL D 73 20.25 25.48 -23.72
C VAL D 73 19.99 25.55 -25.23
N GLN D 74 20.18 26.74 -25.80
CA GLN D 74 20.07 26.92 -27.23
C GLN D 74 21.40 26.61 -27.87
N LEU D 75 21.38 25.76 -28.90
CA LEU D 75 22.59 25.38 -29.62
C LEU D 75 22.67 26.27 -30.84
N ARG D 76 23.84 26.84 -31.06
CA ARG D 76 23.96 27.79 -32.15
C ARG D 76 24.30 27.01 -33.40
N VAL D 77 23.61 27.33 -34.49
CA VAL D 77 23.79 26.65 -35.78
C VAL D 77 24.87 27.38 -36.55
N ILE D 78 25.93 26.67 -36.95
CA ILE D 78 27.05 27.25 -37.66
C ILE D 78 27.19 26.68 -39.07
N GLY D 79 26.22 25.90 -39.52
CA GLY D 79 26.29 25.31 -40.86
C GLY D 79 25.00 24.54 -41.14
N HIS D 80 24.57 24.47 -42.40
CA HIS D 80 23.34 23.75 -42.76
C HIS D 80 23.54 23.13 -44.12
N SER D 81 22.97 21.94 -44.31
CA SER D 81 22.98 21.31 -45.61
C SER D 81 21.81 20.35 -45.68
N MET D 82 21.47 19.93 -46.88
CA MET D 82 20.34 19.04 -47.10
C MET D 82 20.85 17.75 -47.72
N GLN D 83 20.41 16.62 -47.20
CA GLN D 83 20.77 15.32 -47.74
C GLN D 83 19.48 14.60 -48.02
N ASN D 84 19.16 14.40 -49.30
CA ASN D 84 17.80 13.91 -49.60
C ASN D 84 16.73 14.65 -48.77
N CYS D 85 15.94 13.95 -47.95
CA CYS D 85 14.88 14.62 -47.22
C CYS D 85 15.25 14.96 -45.78
N VAL D 86 16.52 14.93 -45.41
CA VAL D 86 16.87 15.44 -44.10
C VAL D 86 17.75 16.67 -44.18
N LEU D 87 17.64 17.50 -43.14
CA LEU D 87 18.60 18.59 -42.93
C LEU D 87 19.66 18.15 -41.96
N LYS D 88 20.88 18.54 -42.24
CA LYS D 88 22.00 18.37 -41.32
C LYS D 88 22.40 19.76 -40.88
N LEU D 89 22.08 20.12 -39.66
CA LEU D 89 22.51 21.39 -39.09
C LEU D 89 23.76 21.21 -38.21
N LYS D 90 24.85 21.85 -38.62
CA LYS D 90 26.08 21.77 -37.85
C LYS D 90 25.98 22.75 -36.69
N VAL D 91 26.27 22.28 -35.49
CA VAL D 91 26.18 23.10 -34.29
C VAL D 91 27.59 23.21 -33.73
N ASP D 92 27.78 24.15 -32.83
CA ASP D 92 29.13 24.47 -32.37
C ASP D 92 29.50 23.65 -31.16
N THR D 93 28.63 22.74 -30.74
CA THR D 93 28.86 21.94 -29.53
C THR D 93 28.51 20.49 -29.86
N ALA D 94 29.43 19.59 -29.56
CA ALA D 94 29.17 18.17 -29.73
C ALA D 94 28.33 17.66 -28.55
N ASN D 95 27.38 16.81 -28.85
CA ASN D 95 26.54 16.24 -27.82
C ASN D 95 27.41 15.38 -26.92
N PRO D 96 27.52 15.72 -25.63
CA PRO D 96 28.31 14.90 -24.73
C PRO D 96 27.64 13.60 -24.39
N LYS D 97 26.35 13.46 -24.71
CA LYS D 97 25.61 12.22 -24.53
C LYS D 97 25.51 11.40 -25.81
N THR D 98 26.29 11.68 -26.82
CA THR D 98 26.25 10.88 -28.06
C THR D 98 26.64 9.43 -27.80
N PRO D 99 25.79 8.47 -28.16
CA PRO D 99 26.13 7.06 -27.94
C PRO D 99 26.93 6.53 -29.11
N LYS D 100 27.52 5.35 -28.91
CA LYS D 100 27.99 4.60 -30.07
C LYS D 100 26.78 4.34 -30.96
N TYR D 101 26.90 4.65 -32.26
CA TYR D 101 25.73 4.58 -33.14
C TYR D 101 26.12 4.25 -34.57
N LYS D 102 25.13 3.77 -35.31
CA LYS D 102 25.22 3.49 -36.72
C LYS D 102 23.93 4.00 -37.35
N PHE D 103 24.00 4.38 -38.61
CA PHE D 103 22.82 4.61 -39.42
C PHE D 103 22.64 3.36 -40.30
N VAL D 104 21.47 2.76 -40.24
CA VAL D 104 21.16 1.60 -41.08
C VAL D 104 19.85 1.79 -41.82
N ARG D 105 19.72 1.13 -42.95
CA ARG D 105 18.46 1.11 -43.69
C ARG D 105 17.88 -0.29 -43.52
N ILE D 106 16.71 -0.38 -42.95
CA ILE D 106 16.13 -1.68 -42.64
C ILE D 106 15.26 -2.15 -43.80
N GLN D 107 14.96 -3.43 -43.83
CA GLN D 107 14.11 -4.05 -44.85
C GLN D 107 12.68 -4.16 -44.34
N PRO D 108 11.73 -4.21 -45.28
CA PRO D 108 10.36 -4.50 -44.87
C PRO D 108 10.31 -5.82 -44.13
N GLY D 109 9.49 -5.83 -43.09
CA GLY D 109 9.33 -6.95 -42.17
C GLY D 109 10.20 -6.87 -40.93
N GLN D 110 11.21 -5.98 -40.89
CA GLN D 110 12.04 -5.78 -39.70
C GLN D 110 11.36 -4.77 -38.76
N THR D 111 11.67 -4.90 -37.48
CA THR D 111 11.07 -4.12 -36.43
C THR D 111 12.07 -3.11 -35.88
N PHE D 112 11.55 -2.22 -35.03
CA PHE D 112 12.36 -1.20 -34.35
C PHE D 112 11.51 -0.50 -33.33
N SER D 113 12.19 0.12 -32.37
CA SER D 113 11.52 0.92 -31.37
C SER D 113 11.47 2.37 -31.87
N VAL D 114 10.35 3.02 -31.54
CA VAL D 114 10.11 4.43 -31.81
C VAL D 114 10.07 5.16 -30.47
N LEU D 115 10.87 6.23 -30.36
CA LEU D 115 10.78 7.12 -29.22
C LEU D 115 10.01 8.35 -29.71
N ALA D 116 8.75 8.42 -29.36
CA ALA D 116 7.88 9.43 -29.90
C ALA D 116 8.14 10.70 -29.12
N CYS D 117 8.35 11.80 -29.81
CA CYS D 117 8.76 13.06 -29.21
C CYS D 117 7.97 14.25 -29.77
N TYR D 118 7.84 15.28 -28.91
CA TYR D 118 7.22 16.58 -29.19
C TYR D 118 8.08 17.65 -28.56
N ASN D 119 8.47 18.64 -29.34
CA ASN D 119 9.24 19.76 -28.82
C ASN D 119 10.57 19.32 -28.18
N GLY D 120 11.17 18.28 -28.72
CA GLY D 120 12.41 17.73 -28.24
C GLY D 120 12.34 16.91 -26.98
N SER D 121 11.14 16.63 -26.49
CA SER D 121 10.98 15.86 -25.27
C SER D 121 10.28 14.54 -25.56
N PRO D 122 10.74 13.45 -24.96
CA PRO D 122 10.08 12.16 -25.17
C PRO D 122 8.72 12.05 -24.49
N SER D 123 7.76 11.50 -25.22
CA SER D 123 6.47 11.16 -24.65
C SER D 123 6.33 9.68 -24.34
N GLY D 124 6.94 8.78 -25.11
CA GLY D 124 6.78 7.35 -24.86
C GLY D 124 7.52 6.56 -25.93
N VAL D 125 7.62 5.26 -25.73
CA VAL D 125 8.35 4.39 -26.63
C VAL D 125 7.46 3.19 -26.93
N TYR D 126 7.55 2.71 -28.15
CA TYR D 126 6.77 1.56 -28.57
C TYR D 126 7.46 0.91 -29.75
N GLN D 127 7.05 -0.31 -30.06
CA GLN D 127 7.66 -1.16 -31.06
C GLN D 127 6.79 -1.16 -32.32
N CYS D 128 7.43 -0.96 -33.47
CA CYS D 128 6.87 -0.97 -34.81
C CYS D 128 7.54 -1.95 -35.74
N ALA D 129 6.84 -2.29 -36.80
CA ALA D 129 7.42 -3.02 -37.92
C ALA D 129 7.34 -2.19 -39.18
N MET D 130 8.30 -2.37 -40.06
CA MET D 130 8.23 -1.79 -41.39
C MET D 130 7.29 -2.70 -42.19
N ARG D 131 6.13 -2.21 -42.59
CA ARG D 131 5.18 -3.05 -43.33
C ARG D 131 5.77 -3.38 -44.70
N PRO D 132 5.27 -4.46 -45.33
CA PRO D 132 5.72 -4.75 -46.70
C PRO D 132 5.51 -3.63 -47.67
N ASN D 133 4.52 -2.78 -47.41
CA ASN D 133 4.28 -1.64 -48.29
C ASN D 133 5.04 -0.40 -47.87
N PHE D 134 6.01 -0.55 -46.97
CA PHE D 134 6.95 0.48 -46.56
C PHE D 134 6.31 1.57 -45.71
N THR D 135 5.15 1.36 -45.14
CA THR D 135 4.65 2.23 -44.10
C THR D 135 4.84 1.60 -42.73
N ILE D 136 4.57 2.36 -41.72
CA ILE D 136 4.54 1.88 -40.35
C ILE D 136 3.25 2.33 -39.69
N LYS D 137 2.73 1.48 -38.83
CA LYS D 137 1.52 1.76 -38.05
C LYS D 137 2.00 2.27 -36.70
N GLY D 138 2.22 3.58 -36.63
CA GLY D 138 2.72 4.18 -35.43
C GLY D 138 1.66 4.91 -34.66
N SER D 139 2.13 5.78 -33.76
CA SER D 139 1.31 6.69 -32.98
C SER D 139 2.06 8.02 -33.00
N PHE D 140 1.65 8.88 -33.91
CA PHE D 140 2.33 10.14 -34.19
C PHE D 140 1.29 11.25 -34.39
N LEU D 141 1.43 12.35 -33.64
CA LEU D 141 0.62 13.55 -33.83
C LEU D 141 1.44 14.65 -34.50
N ASN D 142 0.81 15.77 -34.78
CA ASN D 142 1.57 16.89 -35.32
C ASN D 142 2.64 17.33 -34.33
N GLY D 143 3.82 17.61 -34.83
CA GLY D 143 4.97 17.91 -34.00
C GLY D 143 5.89 16.74 -33.75
N SER D 144 5.49 15.53 -34.16
CA SER D 144 6.29 14.32 -33.91
C SER D 144 7.34 13.99 -34.98
N ALA D 145 7.28 14.63 -36.15
CA ALA D 145 8.31 14.45 -37.14
C ALA D 145 9.68 14.69 -36.50
N GLY D 146 10.66 13.93 -36.94
CA GLY D 146 11.99 13.93 -36.38
C GLY D 146 12.18 12.95 -35.23
N SER D 147 11.09 12.43 -34.65
CA SER D 147 11.17 11.21 -33.84
C SER D 147 11.84 10.10 -34.63
N VAL D 148 12.64 9.25 -33.94
CA VAL D 148 13.45 8.25 -34.59
C VAL D 148 13.06 6.86 -34.13
N GLY D 149 13.21 5.93 -35.07
CA GLY D 149 13.19 4.52 -34.74
C GLY D 149 14.57 3.91 -34.71
N PHE D 150 14.73 2.86 -33.89
CA PHE D 150 16.07 2.38 -33.59
C PHE D 150 16.03 0.94 -33.11
N ASN D 151 17.18 0.30 -33.25
CA ASN D 151 17.49 -0.96 -32.59
C ASN D 151 18.78 -0.78 -31.80
N ILE D 152 18.98 -1.60 -30.77
CA ILE D 152 20.23 -1.59 -30.02
C ILE D 152 20.88 -2.95 -30.25
N ASP D 153 22.19 -2.96 -30.45
CA ASP D 153 22.98 -4.19 -30.46
C ASP D 153 24.22 -3.96 -29.63
N TYR D 154 24.39 -4.73 -28.56
CA TYR D 154 25.43 -4.48 -27.57
C TYR D 154 25.26 -3.05 -27.06
N ASP D 155 26.23 -2.16 -27.22
CA ASP D 155 26.12 -0.77 -26.79
C ASP D 155 25.94 0.19 -27.97
N CYS D 156 25.64 -0.34 -29.16
CA CYS D 156 25.53 0.47 -30.35
C CYS D 156 24.06 0.67 -30.74
N VAL D 157 23.61 1.92 -30.74
CA VAL D 157 22.31 2.30 -31.26
C VAL D 157 22.35 2.37 -32.77
N SER D 158 21.49 1.59 -33.43
CA SER D 158 21.35 1.60 -34.88
C SER D 158 20.07 2.35 -35.18
N PHE D 159 20.21 3.61 -35.59
CA PHE D 159 19.08 4.44 -36.00
C PHE D 159 18.67 4.01 -37.41
N CYS D 160 17.39 3.61 -37.58
CA CYS D 160 16.93 3.17 -38.88
C CYS D 160 15.77 3.97 -39.48
N TYR D 161 15.07 4.80 -38.69
CA TYR D 161 13.89 5.53 -39.16
C TYR D 161 13.89 6.95 -38.59
N MET D 162 13.50 7.93 -39.39
CA MET D 162 13.10 9.24 -38.89
C MET D 162 11.72 9.57 -39.47
N HIS D 163 10.80 9.94 -38.59
CA HIS D 163 9.39 10.09 -38.90
C HIS D 163 9.17 11.40 -39.62
N HIS D 164 8.43 11.36 -40.74
CA HIS D 164 8.11 12.58 -41.48
C HIS D 164 6.63 12.90 -41.54
N MET D 165 5.76 11.94 -41.90
CA MET D 165 4.41 12.32 -42.28
C MET D 165 3.41 11.20 -42.05
N GLU D 166 2.13 11.55 -42.16
CA GLU D 166 1.06 10.58 -42.02
C GLU D 166 0.29 10.50 -43.34
N LEU D 167 0.03 9.23 -43.80
CA LEU D 167 -0.76 9.03 -44.99
C LEU D 167 -2.26 9.00 -44.63
N PRO D 168 -3.14 9.10 -45.63
CA PRO D 168 -4.58 9.26 -45.29
C PRO D 168 -5.22 8.07 -44.60
N THR D 169 -4.72 6.87 -44.81
CA THR D 169 -5.25 5.77 -44.00
C THR D 169 -4.79 5.79 -42.62
N GLY D 170 -4.07 6.80 -42.12
CA GLY D 170 -3.65 6.85 -40.73
C GLY D 170 -2.31 6.17 -40.45
N VAL D 171 -1.65 5.64 -41.46
CA VAL D 171 -0.34 5.03 -41.28
C VAL D 171 0.72 6.06 -41.59
N HIS D 172 1.99 5.69 -41.38
CA HIS D 172 3.07 6.64 -41.27
C HIS D 172 4.21 6.37 -42.23
N ALA D 173 4.87 7.45 -42.68
CA ALA D 173 5.96 7.28 -43.63
C ALA D 173 7.12 8.16 -43.20
N GLY D 174 8.33 7.71 -43.53
CA GLY D 174 9.54 8.34 -43.07
C GLY D 174 10.72 7.90 -43.88
N THR D 175 11.90 8.29 -43.39
CA THR D 175 13.14 8.07 -44.14
C THR D 175 14.09 7.28 -43.24
N ASP D 176 15.19 6.85 -43.86
CA ASP D 176 16.34 6.46 -43.06
C ASP D 176 17.03 7.78 -42.61
N LEU D 177 18.18 7.67 -41.99
CA LEU D 177 18.87 8.82 -41.44
C LEU D 177 19.75 9.49 -42.47
N GLU D 178 19.79 8.96 -43.67
CA GLU D 178 20.34 9.59 -44.85
C GLU D 178 19.27 10.30 -45.65
N GLY D 179 18.05 10.30 -45.15
CA GLY D 179 16.93 11.04 -45.68
C GLY D 179 16.23 10.40 -46.85
N ASN D 180 16.54 9.14 -47.16
CA ASN D 180 15.83 8.44 -48.23
C ASN D 180 14.55 7.87 -47.70
N PHE D 181 13.45 8.20 -48.38
CA PHE D 181 12.17 7.66 -47.90
C PHE D 181 12.17 6.11 -48.00
N TYR D 182 11.54 5.47 -47.02
CA TYR D 182 11.11 4.11 -47.22
C TYR D 182 9.84 4.17 -48.06
N GLY D 183 9.85 3.52 -49.17
CA GLY D 183 8.69 3.40 -50.00
C GLY D 183 8.64 4.51 -51.02
N PRO D 184 7.66 4.43 -51.90
CA PRO D 184 7.46 5.45 -52.94
C PRO D 184 6.61 6.63 -52.46
N PHE D 185 7.10 7.29 -51.44
CA PHE D 185 6.44 8.45 -50.85
C PHE D 185 7.36 9.66 -50.91
N VAL D 186 6.75 10.86 -50.85
CA VAL D 186 7.46 12.13 -50.92
C VAL D 186 6.92 13.05 -49.85
N ASP D 187 7.79 13.91 -49.32
CA ASP D 187 7.41 14.81 -48.23
C ASP D 187 6.79 16.06 -48.82
N ARG D 188 5.52 15.92 -49.20
CA ARG D 188 4.70 17.01 -49.69
C ARG D 188 3.26 16.57 -49.47
N GLN D 189 2.41 17.54 -49.11
CA GLN D 189 1.01 17.26 -48.81
C GLN D 189 0.18 17.16 -50.09
N THR D 190 0.50 16.16 -50.88
CA THR D 190 -0.19 15.74 -52.09
C THR D 190 -0.91 14.41 -51.85
N ALA D 191 -1.66 14.02 -52.86
CA ALA D 191 -2.52 12.83 -52.77
C ALA D 191 -1.63 11.60 -52.94
N GLN D 192 -1.38 10.94 -51.84
CA GLN D 192 -0.54 9.76 -51.82
C GLN D 192 -1.27 8.65 -51.10
N ALA D 193 -0.96 7.43 -51.47
CA ALA D 193 -1.63 6.28 -50.90
C ALA D 193 -0.65 5.13 -50.78
N ALA D 194 -0.71 4.46 -49.63
CA ALA D 194 0.07 3.23 -49.44
C ALA D 194 -0.46 2.13 -50.35
N GLY D 195 0.44 1.43 -50.99
CA GLY D 195 0.07 0.23 -51.73
C GLY D 195 -0.61 -0.79 -50.83
N THR D 196 -1.22 -1.78 -51.48
CA THR D 196 -1.84 -2.87 -50.74
C THR D 196 -0.80 -3.55 -49.84
N ASP D 197 -1.14 -3.72 -48.59
CA ASP D 197 -0.23 -4.36 -47.66
C ASP D 197 -0.44 -5.87 -47.62
N THR D 198 0.51 -6.56 -47.02
CA THR D 198 0.44 -8.00 -46.92
C THR D 198 0.93 -8.35 -45.53
N THR D 199 0.65 -9.58 -45.13
CA THR D 199 1.10 -10.06 -43.83
C THR D 199 2.53 -10.66 -43.91
N ILE D 200 3.34 -10.41 -42.89
CA ILE D 200 4.75 -10.84 -42.85
C ILE D 200 4.83 -12.26 -42.32
N THR D 201 4.82 -13.23 -43.25
CA THR D 201 4.69 -14.65 -42.93
C THR D 201 5.78 -15.11 -42.00
N VAL D 202 7.04 -14.74 -42.23
CA VAL D 202 8.08 -15.31 -41.39
C VAL D 202 7.88 -14.86 -39.95
N ASN D 203 7.34 -13.65 -39.77
CA ASN D 203 7.07 -13.12 -38.44
C ASN D 203 5.89 -13.83 -37.76
N VAL D 204 4.83 -14.16 -38.51
CA VAL D 204 3.74 -14.94 -37.92
C VAL D 204 4.28 -16.28 -37.41
N LEU D 205 5.14 -16.90 -38.19
CA LEU D 205 5.72 -18.16 -37.77
C LEU D 205 6.56 -17.96 -36.53
N ALA D 206 7.35 -16.89 -36.47
CA ALA D 206 8.19 -16.64 -35.29
C ALA D 206 7.33 -16.54 -34.04
N TRP D 207 6.22 -15.84 -34.17
CA TRP D 207 5.27 -15.64 -33.09
C TRP D 207 4.52 -16.91 -32.71
N LEU D 208 4.19 -17.73 -33.67
CA LEU D 208 3.73 -19.08 -33.33
C LEU D 208 4.74 -19.88 -32.55
N TYR D 209 6.03 -19.78 -32.92
CA TYR D 209 7.07 -20.37 -32.09
C TYR D 209 7.08 -19.76 -30.69
N ALA D 210 7.00 -18.43 -30.57
CA ALA D 210 6.92 -17.84 -29.23
C ALA D 210 5.76 -18.44 -28.40
N ALA D 211 4.60 -18.62 -29.03
CA ALA D 211 3.46 -19.22 -28.38
C ALA D 211 3.83 -20.59 -27.87
N VAL D 212 4.44 -21.43 -28.70
CA VAL D 212 4.84 -22.76 -28.22
C VAL D 212 5.83 -22.69 -27.05
N ILE D 213 6.83 -21.82 -27.18
CA ILE D 213 7.81 -21.67 -26.11
C ILE D 213 7.13 -21.26 -24.83
N ASN D 214 6.07 -20.49 -24.90
CA ASN D 214 5.31 -20.09 -23.71
C ASN D 214 4.13 -21.05 -23.33
N GLY D 215 4.10 -22.26 -23.85
CA GLY D 215 3.12 -23.29 -23.51
C GLY D 215 1.79 -23.27 -24.24
N ASP D 216 1.63 -22.43 -25.26
CA ASP D 216 0.43 -22.47 -26.10
C ASP D 216 0.73 -23.42 -27.26
N ARG D 217 0.06 -24.61 -27.31
CA ARG D 217 0.34 -25.61 -28.35
C ARG D 217 -0.90 -26.12 -29.07
N TRP D 218 -2.08 -25.56 -28.82
CA TRP D 218 -3.33 -26.14 -29.29
C TRP D 218 -3.41 -26.17 -30.80
N PHE D 219 -2.70 -25.28 -31.50
CA PHE D 219 -2.76 -25.13 -32.95
C PHE D 219 -1.80 -26.10 -33.68
N LEU D 220 -0.91 -26.78 -32.95
CA LEU D 220 0.01 -27.69 -33.59
C LEU D 220 -0.75 -28.91 -34.16
N ASN D 221 -0.12 -29.58 -35.12
CA ASN D 221 -0.72 -30.80 -35.68
C ASN D 221 0.43 -31.69 -36.14
N ARG D 222 0.06 -32.90 -36.53
CA ARG D 222 1.04 -33.91 -36.92
C ARG D 222 1.50 -33.77 -38.36
N PHE D 223 0.91 -32.85 -39.12
CA PHE D 223 1.19 -32.70 -40.54
C PHE D 223 2.42 -31.84 -40.80
N THR D 224 2.97 -32.06 -41.97
CA THR D 224 3.97 -31.21 -42.59
C THR D 224 3.45 -30.81 -43.96
N THR D 225 4.06 -29.83 -44.55
CA THR D 225 3.71 -29.38 -45.89
C THR D 225 5.01 -29.15 -46.61
N THR D 226 4.94 -29.00 -47.92
CA THR D 226 6.13 -28.55 -48.61
C THR D 226 6.12 -27.03 -48.63
N LEU D 227 7.28 -26.45 -48.95
CA LEU D 227 7.35 -25.01 -49.05
C LEU D 227 6.48 -24.49 -50.18
N ASN D 228 6.49 -25.19 -51.32
CA ASN D 228 5.64 -24.79 -52.44
C ASN D 228 4.15 -24.84 -52.09
N ASP D 229 3.71 -25.91 -51.44
CA ASP D 229 2.30 -26.00 -51.10
C ASP D 229 1.91 -24.93 -50.11
N PHE D 230 2.76 -24.69 -49.13
CA PHE D 230 2.48 -23.64 -48.17
C PHE D 230 2.36 -22.29 -48.87
N ASN D 231 3.24 -22.02 -49.83
CA ASN D 231 3.19 -20.72 -50.48
C ASN D 231 1.95 -20.58 -51.40
N LEU D 232 1.36 -21.67 -51.88
CA LEU D 232 0.10 -21.53 -52.61
C LEU D 232 -1.01 -21.07 -51.67
N VAL D 233 -1.01 -21.57 -50.44
CA VAL D 233 -1.94 -21.10 -49.43
C VAL D 233 -1.59 -19.67 -49.00
N ALA D 234 -0.31 -19.38 -48.80
CA ALA D 234 0.06 -18.02 -48.41
C ALA D 234 -0.46 -16.97 -49.39
N MET D 235 -0.24 -17.20 -50.67
CA MET D 235 -0.66 -16.25 -51.68
C MET D 235 -2.18 -16.02 -51.62
N LYS D 236 -2.95 -17.08 -51.33
CA LYS D 236 -4.38 -16.92 -51.31
C LYS D 236 -4.82 -16.00 -50.21
N TYR D 237 -4.11 -15.97 -49.08
CA TYR D 237 -4.48 -15.20 -47.89
C TYR D 237 -3.70 -13.89 -47.78
N ASN D 238 -3.06 -13.45 -48.86
CA ASN D 238 -2.34 -12.18 -48.86
C ASN D 238 -1.16 -12.14 -47.87
N TYR D 239 -0.52 -13.26 -47.72
CA TYR D 239 0.69 -13.40 -46.91
C TYR D 239 1.87 -13.33 -47.89
N GLU D 240 2.98 -12.80 -47.40
CA GLU D 240 4.22 -12.76 -48.19
C GLU D 240 4.70 -14.19 -48.42
N PRO D 241 5.32 -14.45 -49.58
CA PRO D 241 5.91 -15.78 -49.78
C PRO D 241 7.03 -16.07 -48.77
N LEU D 242 7.09 -17.32 -48.36
CA LEU D 242 8.15 -17.77 -47.48
C LEU D 242 9.30 -18.29 -48.28
N THR D 243 10.49 -17.75 -48.07
CA THR D 243 11.67 -18.18 -48.79
C THR D 243 12.53 -19.10 -47.93
N GLN D 244 13.47 -19.78 -48.59
CA GLN D 244 14.41 -20.62 -47.84
C GLN D 244 15.30 -19.81 -46.88
N ASP D 245 15.52 -18.53 -47.18
CA ASP D 245 16.22 -17.69 -46.23
C ASP D 245 15.39 -17.52 -44.97
N HIS D 246 14.07 -17.35 -45.13
CA HIS D 246 13.18 -17.26 -43.96
C HIS D 246 13.18 -18.57 -43.14
N VAL D 247 13.12 -19.71 -43.83
CA VAL D 247 13.23 -21.00 -43.13
C VAL D 247 14.50 -21.07 -42.29
N ASP D 248 15.64 -20.57 -42.83
CA ASP D 248 16.88 -20.64 -42.10
C ASP D 248 16.85 -19.71 -40.89
N ILE D 249 16.25 -18.53 -41.05
CA ILE D 249 16.18 -17.54 -39.96
C ILE D 249 15.37 -18.06 -38.79
N LEU D 250 14.34 -18.88 -39.05
CA LEU D 250 13.58 -19.55 -38.00
C LEU D 250 14.35 -20.67 -37.31
N GLY D 251 15.60 -20.92 -37.72
CA GLY D 251 16.38 -22.02 -37.18
C GLY D 251 16.53 -22.08 -35.68
N PRO D 252 16.81 -20.95 -35.02
CA PRO D 252 16.93 -20.97 -33.55
C PRO D 252 15.64 -21.37 -32.91
N LEU D 253 14.49 -21.04 -33.50
CA LEU D 253 13.20 -21.32 -32.88
C LEU D 253 12.77 -22.77 -33.13
N SER D 254 12.99 -23.25 -34.37
CA SER D 254 12.78 -24.66 -34.62
C SER D 254 13.66 -25.52 -33.73
N ALA D 255 14.95 -25.12 -33.56
CA ALA D 255 15.86 -25.84 -32.64
C ALA D 255 15.35 -25.87 -31.20
N GLN D 256 14.96 -24.74 -30.66
CA GLN D 256 14.51 -24.68 -29.27
C GLN D 256 13.28 -25.52 -29.05
N THR D 257 12.35 -25.55 -30.02
CA THR D 257 11.02 -26.17 -29.79
C THR D 257 10.95 -27.61 -30.33
N GLY D 258 11.89 -28.00 -31.19
CA GLY D 258 11.84 -29.27 -31.89
C GLY D 258 10.82 -29.35 -33.01
N ILE D 259 10.21 -28.24 -33.38
CA ILE D 259 9.18 -28.22 -34.41
C ILE D 259 9.82 -27.68 -35.66
N ALA D 260 9.89 -28.53 -36.69
CA ALA D 260 10.45 -28.09 -37.96
C ALA D 260 9.61 -26.96 -38.55
N VAL D 261 10.27 -26.09 -39.33
CA VAL D 261 9.58 -24.93 -39.89
C VAL D 261 8.41 -25.39 -40.78
N LEU D 262 8.64 -26.34 -41.67
CA LEU D 262 7.54 -26.80 -42.53
C LEU D 262 6.46 -27.53 -41.75
N ASP D 263 6.76 -28.05 -40.56
CA ASP D 263 5.71 -28.52 -39.65
C ASP D 263 4.89 -27.38 -39.07
N MET D 264 5.53 -26.32 -38.61
CA MET D 264 4.77 -25.13 -38.23
C MET D 264 3.97 -24.49 -39.35
N CYS D 265 4.51 -24.55 -40.55
CA CYS D 265 3.78 -24.04 -41.69
C CYS D 265 2.48 -24.79 -41.87
N ALA D 266 2.46 -26.10 -41.59
CA ALA D 266 1.19 -26.82 -41.66
C ALA D 266 0.17 -26.35 -40.61
N SER D 267 0.64 -25.95 -39.43
CA SER D 267 -0.23 -25.29 -38.48
C SER D 267 -0.74 -23.96 -39.01
N LEU D 268 0.15 -23.16 -39.54
CA LEU D 268 -0.33 -21.88 -40.00
C LEU D 268 -1.34 -22.08 -41.12
N LYS D 269 -1.10 -23.02 -42.03
CA LYS D 269 -2.07 -23.24 -43.11
C LYS D 269 -3.44 -23.57 -42.53
N GLU D 270 -3.48 -24.40 -41.50
N GLU D 270 -3.48 -24.38 -41.48
CA GLU D 270 -4.75 -24.77 -40.90
CA GLU D 270 -4.75 -24.78 -40.90
C GLU D 270 -5.42 -23.57 -40.23
C GLU D 270 -5.42 -23.59 -40.21
N LEU D 271 -4.64 -22.76 -39.50
CA LEU D 271 -5.21 -21.54 -38.90
C LEU D 271 -5.78 -20.61 -39.96
N LEU D 272 -5.11 -20.49 -41.09
CA LEU D 272 -5.66 -19.61 -42.09
C LEU D 272 -6.97 -20.14 -42.66
N GLN D 273 -7.01 -21.43 -42.99
CA GLN D 273 -8.19 -21.99 -43.64
C GLN D 273 -9.35 -22.19 -42.69
N ASN D 274 -9.05 -22.41 -41.40
CA ASN D 274 -10.08 -22.76 -40.44
C ASN D 274 -10.37 -21.73 -39.40
N GLY D 275 -9.52 -20.76 -39.22
CA GLY D 275 -9.63 -19.83 -38.11
C GLY D 275 -9.25 -20.44 -36.78
N MET D 276 -9.49 -19.68 -35.72
CA MET D 276 -9.11 -20.09 -34.39
C MET D 276 -10.21 -20.72 -33.54
N ASN D 277 -11.43 -20.83 -34.05
CA ASN D 277 -12.54 -21.46 -33.31
C ASN D 277 -12.71 -20.87 -31.92
N GLY D 278 -12.67 -19.55 -31.85
CA GLY D 278 -12.86 -18.84 -30.60
C GLY D 278 -11.71 -18.86 -29.63
N ARG D 279 -10.57 -19.36 -30.04
CA ARG D 279 -9.42 -19.44 -29.15
C ARG D 279 -8.45 -18.31 -29.41
N THR D 280 -7.46 -18.22 -28.56
CA THR D 280 -6.48 -17.18 -28.66
C THR D 280 -5.10 -17.78 -28.62
N ILE D 281 -4.17 -17.00 -29.15
CA ILE D 281 -2.75 -17.33 -29.11
C ILE D 281 -2.00 -16.18 -28.49
N LEU D 282 -1.34 -16.41 -27.37
CA LEU D 282 -0.62 -15.36 -26.69
C LEU D 282 -1.49 -14.13 -26.45
N GLY D 283 -2.75 -14.36 -26.06
CA GLY D 283 -3.66 -13.29 -25.74
C GLY D 283 -4.24 -12.54 -26.95
N SER D 284 -4.08 -13.07 -28.13
CA SER D 284 -4.51 -12.44 -29.36
C SER D 284 -5.45 -13.36 -30.15
N ALA D 285 -6.48 -12.78 -30.75
CA ALA D 285 -7.43 -13.43 -31.61
C ALA D 285 -7.04 -13.27 -33.05
N LEU D 286 -5.93 -12.61 -33.36
CA LEU D 286 -5.46 -12.41 -34.71
C LEU D 286 -4.04 -12.95 -34.81
N LEU D 287 -3.60 -13.31 -36.00
CA LEU D 287 -2.22 -13.77 -36.16
C LEU D 287 -1.28 -12.56 -36.24
N GLU D 288 -0.42 -12.45 -35.25
CA GLU D 288 0.46 -11.32 -35.06
C GLU D 288 1.70 -11.40 -35.95
N ASP D 289 2.04 -10.28 -36.65
CA ASP D 289 3.16 -10.31 -37.59
C ASP D 289 4.22 -9.25 -37.34
N GLU D 290 4.26 -8.65 -36.16
CA GLU D 290 5.28 -7.63 -35.92
C GLU D 290 6.31 -8.06 -34.89
N PHE D 291 6.57 -9.36 -34.79
CA PHE D 291 7.74 -9.88 -34.13
C PHE D 291 8.55 -10.63 -35.15
N THR D 292 9.80 -10.25 -35.28
CA THR D 292 10.76 -11.01 -36.07
C THR D 292 11.26 -12.25 -35.31
N PRO D 293 11.91 -13.16 -36.02
CA PRO D 293 12.54 -14.28 -35.30
C PRO D 293 13.56 -13.81 -34.28
N PHE D 294 14.38 -12.80 -34.60
CA PHE D 294 15.31 -12.32 -33.60
C PHE D 294 14.59 -11.70 -32.41
N ASP D 295 13.50 -10.98 -32.65
CA ASP D 295 12.72 -10.43 -31.54
C ASP D 295 12.27 -11.52 -30.57
N VAL D 296 11.94 -12.72 -31.09
CA VAL D 296 11.51 -13.82 -30.22
C VAL D 296 12.71 -14.31 -29.41
N VAL D 297 13.84 -14.51 -30.08
CA VAL D 297 15.05 -14.98 -29.40
C VAL D 297 15.42 -14.01 -28.31
N ARG D 298 15.42 -12.71 -28.64
CA ARG D 298 15.81 -11.66 -27.71
C ARG D 298 14.96 -11.73 -26.45
N GLN D 299 13.66 -11.77 -26.64
CA GLN D 299 12.79 -11.79 -25.47
C GLN D 299 12.85 -13.10 -24.68
N CYS D 300 12.89 -14.23 -25.35
CA CYS D 300 12.77 -15.51 -24.71
C CYS D 300 14.11 -15.97 -24.17
N SER D 301 15.21 -15.32 -24.60
CA SER D 301 16.58 -15.56 -24.15
C SER D 301 17.06 -14.57 -23.10
N GLY D 302 16.40 -13.41 -22.96
CA GLY D 302 16.88 -12.36 -22.07
C GLY D 302 18.09 -11.57 -22.54
N VAL D 303 18.16 -11.26 -23.82
CA VAL D 303 19.29 -10.48 -24.33
C VAL D 303 19.23 -9.08 -23.74
N THR D 304 20.36 -8.55 -23.27
CA THR D 304 20.37 -7.21 -22.67
C THR D 304 21.39 -6.30 -23.37
N PHE D 305 21.43 -5.04 -22.92
CA PHE D 305 22.26 -4.01 -23.56
C PHE D 305 22.98 -3.16 -22.52
N THR E 1 0.50 -26.05 -9.15
CA THR E 1 1.99 -26.17 -9.36
C THR E 1 2.68 -25.06 -8.54
N SER E 2 3.98 -25.26 -8.34
CA SER E 2 4.76 -24.36 -7.52
C SER E 2 4.98 -23.03 -8.25
N ALA E 3 4.98 -21.96 -7.49
CA ALA E 3 5.50 -20.71 -7.98
C ALA E 3 7.00 -20.88 -8.29
N VAL E 4 7.48 -19.99 -9.14
CA VAL E 4 8.88 -19.93 -9.52
C VAL E 4 9.40 -18.55 -9.14
N LEU E 5 10.42 -18.55 -8.28
CA LEU E 5 11.11 -17.32 -7.91
C LEU E 5 12.03 -16.95 -9.06
N GLN E 6 12.00 -15.70 -9.49
CA GLN E 6 12.79 -15.35 -10.68
C GLN E 6 13.98 -14.43 -10.33
N THR F 1 -11.81 -23.96 43.24
CA THR F 1 -10.48 -23.66 42.60
C THR F 1 -9.83 -22.50 43.37
N SER F 2 -8.51 -22.55 43.51
CA SER F 2 -7.80 -21.64 44.37
C SER F 2 -7.54 -20.31 43.67
N ALA F 3 -7.48 -19.27 44.46
CA ALA F 3 -6.96 -18.02 43.96
C ALA F 3 -5.45 -18.13 43.69
N VAL F 4 -5.01 -17.31 42.76
CA VAL F 4 -3.61 -17.27 42.33
C VAL F 4 -3.08 -15.89 42.66
N LEU F 5 -2.07 -15.84 43.55
CA LEU F 5 -1.41 -14.58 43.87
C LEU F 5 -0.49 -14.25 42.73
N GLN F 6 -0.51 -13.03 42.30
CA GLN F 6 0.26 -12.69 41.11
C GLN F 6 1.42 -11.76 41.40
N THR G 1 -19.94 12.92 1.61
CA THR G 1 -19.41 14.22 2.18
C THR G 1 -17.95 14.36 1.77
N SER G 2 -17.38 15.53 2.03
CA SER G 2 -15.96 15.72 1.79
C SER G 2 -15.13 15.23 2.99
N ALA G 3 -13.86 14.96 2.72
CA ALA G 3 -12.94 14.71 3.82
C ALA G 3 -12.85 15.97 4.68
N VAL G 4 -12.54 15.76 5.97
CA VAL G 4 -12.37 16.83 6.93
C VAL G 4 -10.96 16.78 7.44
N LEU G 5 -10.14 17.80 7.12
CA LEU G 5 -8.80 17.93 7.70
C LEU G 5 -8.93 18.27 9.17
N GLN G 6 -8.24 17.53 10.04
CA GLN G 6 -8.42 17.75 11.48
C GLN G 6 -7.24 18.48 12.14
N THR H 1 -8.02 12.62 -49.47
CA THR H 1 -7.14 13.27 -48.44
C THR H 1 -5.69 13.22 -48.91
N SER H 2 -4.93 14.21 -48.46
CA SER H 2 -3.51 14.31 -48.82
C SER H 2 -2.64 13.89 -47.63
N ALA H 3 -1.37 13.61 -47.92
CA ALA H 3 -0.40 13.40 -46.86
C ALA H 3 -0.36 14.61 -45.94
N VAL H 4 -0.07 14.35 -44.68
CA VAL H 4 0.04 15.37 -43.65
C VAL H 4 1.46 15.32 -43.10
N LEU H 5 2.20 16.43 -43.23
CA LEU H 5 3.55 16.54 -42.65
C LEU H 5 3.46 16.85 -41.18
N GLN H 6 4.15 16.07 -40.35
CA GLN H 6 4.02 16.23 -38.93
C GLN H 6 5.24 16.87 -38.31
#